data_8JYC
#
_entry.id   8JYC
#
_cell.length_a   90.153
_cell.length_b   90.153
_cell.length_c   167.918
_cell.angle_alpha   90.000
_cell.angle_beta   90.000
_cell.angle_gamma   90.000
#
_symmetry.space_group_name_H-M   'P 41'
#
loop_
_entity.id
_entity.type
_entity.pdbx_description
1 polymer 'Butyrophilin subfamily 2 member A1'
2 polymer 'Butyrophilin subfamily 3 member A1'
3 non-polymer 1,2-ETHANEDIOL
4 non-polymer 'PENTAETHYLENE GLYCOL'
5 non-polymer 'TETRAETHYLENE GLYCOL'
6 non-polymer 'TRIETHYLENE GLYCOL'
7 non-polymer DI(HYDROXYETHYL)ETHER
8 non-polymer 'DIMETHYLALLYL DIPHOSPHATE'
9 water water
#
loop_
_entity_poly.entity_id
_entity_poly.type
_entity_poly.pdbx_seq_one_letter_code
_entity_poly.pdbx_strand_id
1 'polypeptide(L)'
;GAGAGAEELRWRRTFLHAVDVVLDPDTAHPDLFLSEDRRSVRRCPFRHLGESVPDNPERFDSQPCVLGRESFASGKHYWE
VEVENVIEWTVGVCRDSVERKGEVLLIPQNGFWTLEMHKGQYRAVSSPDRILPLKESLCRVGVFLDYEAGDVSFYNMRDR
SHIYTCPRSAFSVPVRPFFRLGCEDSPIFICPALTGANGVTVPEEGLTLHRVGTHQSL
;
A,B
2 'polypeptide(L)'
;MGAYNEWKKALFKPADVILDPKTANPILLVSEDQRSVQRAKEPQDLPDNPERFNWHYCVLGCESFISGRHYWEVEVGDRK
EWHIGVCSKNVQRKGWVKMTPENGFWTMGLTDGNKYRTLTEPRTNLKLPKPPKKVGVFLDYETGDISFYNAVDGSHIHTF
LDVSFSEALYPVFRILTLEPTALTICPALEHHHHHH
;
C,D
#
# COMPACT_ATOMS: atom_id res chain seq x y z
N ARG A 13 3.12 -10.89 -1.68
CA ARG A 13 2.25 -10.85 -0.45
C ARG A 13 3.08 -10.39 0.77
N THR A 14 4.40 -10.29 0.61
CA THR A 14 5.33 -9.45 1.40
C THR A 14 4.78 -8.02 1.66
N PHE A 15 4.11 -7.42 0.68
CA PHE A 15 3.86 -5.96 0.57
C PHE A 15 2.68 -5.58 1.50
N LEU A 16 2.79 -4.48 2.25
CA LEU A 16 1.62 -3.82 2.84
C LEU A 16 0.82 -3.05 1.76
N HIS A 17 -0.41 -3.48 1.49
CA HIS A 17 -1.38 -2.85 0.55
C HIS A 17 -2.09 -1.67 1.23
N ALA A 18 -1.93 -0.45 0.72
CA ALA A 18 -2.74 0.73 1.13
C ALA A 18 -4.00 0.71 0.25
N VAL A 19 -5.10 0.27 0.84
CA VAL A 19 -6.38 0.02 0.13
C VAL A 19 -7.06 1.34 -0.23
N ASP A 20 -7.68 1.35 -1.40
CA ASP A 20 -8.59 2.44 -1.83
C ASP A 20 -10.00 1.96 -1.56
N VAL A 21 -10.59 2.38 -0.44
CA VAL A 21 -11.88 1.80 0.03
C VAL A 21 -13.05 2.61 -0.58
N VAL A 22 -13.88 1.93 -1.35
CA VAL A 22 -15.15 2.47 -1.92
C VAL A 22 -16.29 1.64 -1.33
N LEU A 23 -17.27 2.31 -0.77
CA LEU A 23 -18.43 1.64 -0.13
C LEU A 23 -19.31 1.02 -1.21
N ASP A 24 -19.84 -0.15 -0.86
CA ASP A 24 -20.80 -0.94 -1.68
C ASP A 24 -22.23 -0.59 -1.26
N PRO A 25 -22.94 0.17 -2.10
CA PRO A 25 -24.27 0.65 -1.73
C PRO A 25 -25.24 -0.52 -1.50
N ASP A 26 -24.97 -1.71 -2.05
CA ASP A 26 -25.90 -2.84 -1.89
C ASP A 26 -25.87 -3.35 -0.44
N THR A 27 -24.81 -3.04 0.32
CA THR A 27 -24.65 -3.55 1.70
C THR A 27 -25.34 -2.58 2.68
N ALA A 28 -25.55 -1.34 2.26
CA ALA A 28 -25.80 -0.18 3.14
C ALA A 28 -27.19 -0.26 3.77
N HIS A 29 -27.29 -0.30 5.10
CA HIS A 29 -28.58 -0.06 5.82
C HIS A 29 -29.30 1.11 5.14
N PRO A 30 -30.63 1.04 4.94
CA PRO A 30 -31.38 2.08 4.23
C PRO A 30 -31.31 3.49 4.81
N ASP A 31 -31.06 3.64 6.10
CA ASP A 31 -30.88 4.99 6.71
C ASP A 31 -29.50 5.58 6.42
N LEU A 32 -28.56 4.80 5.90
CA LEU A 32 -27.22 5.34 5.56
C LEU A 32 -27.37 6.06 4.23
N PHE A 33 -26.82 7.26 4.15
CA PHE A 33 -26.77 8.09 2.93
C PHE A 33 -25.31 8.18 2.49
N LEU A 34 -24.97 7.52 1.39
CA LEU A 34 -23.60 7.60 0.82
C LEU A 34 -23.43 8.89 0.04
N SER A 35 -22.25 9.51 0.13
CA SER A 35 -21.78 10.49 -0.87
C SER A 35 -21.82 9.86 -2.27
N GLU A 36 -21.84 10.70 -3.32
CA GLU A 36 -21.80 10.28 -4.73
C GLU A 36 -20.50 9.52 -5.01
N ASP A 37 -19.37 9.97 -4.49
CA ASP A 37 -18.12 9.25 -4.72
C ASP A 37 -18.03 7.98 -3.85
N ARG A 38 -18.96 7.76 -2.90
CA ARG A 38 -19.04 6.52 -2.08
C ARG A 38 -17.83 6.37 -1.18
N ARG A 39 -17.25 7.48 -0.72
CA ARG A 39 -16.06 7.50 0.15
C ARG A 39 -16.44 8.13 1.48
N SER A 40 -17.69 8.56 1.60
CA SER A 40 -18.22 9.03 2.90
C SER A 40 -19.69 8.59 3.07
N VAL A 41 -20.16 8.59 4.31
CA VAL A 41 -21.50 8.06 4.67
C VAL A 41 -21.94 8.76 5.95
N ARG A 42 -23.21 9.16 5.99
CA ARG A 42 -23.86 9.65 7.23
C ARG A 42 -25.16 8.86 7.40
N ARG A 43 -25.70 8.88 8.61
CA ARG A 43 -26.98 8.19 8.89
C ARG A 43 -28.05 9.27 8.87
N CYS A 44 -29.10 9.11 8.05
CA CYS A 44 -30.35 9.92 8.03
C CYS A 44 -31.53 9.07 8.46
N PRO A 45 -31.92 9.15 9.74
CA PRO A 45 -32.86 8.22 10.33
C PRO A 45 -34.22 8.24 9.63
N PHE A 46 -34.85 7.07 9.53
CA PHE A 46 -36.20 6.87 8.96
C PHE A 46 -36.33 7.73 7.70
N ARG A 47 -35.34 7.74 6.80
CA ARG A 47 -35.34 8.64 5.59
C ARG A 47 -36.15 7.99 4.45
N HIS A 48 -36.68 6.81 4.66
CA HIS A 48 -37.49 6.02 3.70
C HIS A 48 -38.90 5.90 4.30
N LEU A 49 -39.25 6.82 5.19
CA LEU A 49 -40.60 6.91 5.78
C LEU A 49 -41.60 7.10 4.62
N GLY A 50 -42.68 6.32 4.61
CA GLY A 50 -43.70 6.33 3.55
C GLY A 50 -43.27 5.58 2.29
N GLU A 51 -42.07 4.97 2.30
CA GLU A 51 -41.54 4.18 1.16
C GLU A 51 -41.60 2.68 1.46
N SER A 52 -41.80 1.87 0.42
CA SER A 52 -41.48 0.42 0.43
C SER A 52 -40.07 0.28 -0.13
N VAL A 53 -39.18 -0.38 0.62
CA VAL A 53 -37.73 -0.52 0.28
C VAL A 53 -37.59 -1.96 -0.19
N PRO A 54 -36.97 -2.21 -1.36
CA PRO A 54 -36.92 -3.56 -1.91
C PRO A 54 -35.94 -4.47 -1.15
N ASP A 55 -36.24 -5.76 -1.18
CA ASP A 55 -35.46 -6.81 -0.50
C ASP A 55 -34.08 -6.89 -1.16
N ASN A 56 -33.05 -7.11 -0.36
CA ASN A 56 -31.66 -7.21 -0.88
C ASN A 56 -30.88 -7.99 0.16
N PRO A 57 -30.60 -9.30 -0.10
CA PRO A 57 -29.89 -10.13 0.86
C PRO A 57 -28.51 -9.60 1.30
N GLU A 58 -27.89 -8.69 0.53
CA GLU A 58 -26.56 -8.11 0.88
C GLU A 58 -26.68 -7.03 1.99
N ARG A 59 -27.87 -6.45 2.14
CA ARG A 59 -28.03 -5.17 2.86
C ARG A 59 -28.09 -5.47 4.36
N PHE A 60 -27.33 -4.75 5.18
CA PHE A 60 -27.50 -4.80 6.65
C PHE A 60 -28.82 -4.11 7.03
N ASP A 61 -29.73 -4.80 7.71
CA ASP A 61 -31.06 -4.21 8.04
C ASP A 61 -31.31 -4.01 9.53
N SER A 62 -30.57 -4.65 10.44
CA SER A 62 -30.82 -4.53 11.89
C SER A 62 -29.99 -3.36 12.46
N GLN A 63 -28.80 -3.12 11.91
CA GLN A 63 -27.86 -2.07 12.41
C GLN A 63 -27.37 -1.28 11.21
N PRO A 64 -27.09 0.04 11.37
CA PRO A 64 -26.75 0.91 10.25
C PRO A 64 -25.30 0.73 9.80
N CYS A 65 -25.06 -0.32 9.04
CA CYS A 65 -23.72 -0.77 8.59
C CYS A 65 -23.64 -0.72 7.06
N VAL A 66 -22.41 -0.66 6.59
CA VAL A 66 -22.06 -0.66 5.15
C VAL A 66 -20.64 -1.21 5.05
N LEU A 67 -20.38 -1.97 3.98
CA LEU A 67 -19.08 -2.62 3.76
C LEU A 67 -18.34 -1.87 2.66
N GLY A 68 -17.03 -1.93 2.72
CA GLY A 68 -16.20 -1.68 1.55
C GLY A 68 -16.49 -2.72 0.49
N ARG A 69 -16.41 -2.37 -0.79
CA ARG A 69 -16.71 -3.30 -1.92
C ARG A 69 -15.53 -4.27 -2.07
N GLU A 70 -14.38 -3.97 -1.48
CA GLU A 70 -13.17 -4.83 -1.56
C GLU A 70 -13.34 -6.02 -0.62
N SER A 71 -12.79 -7.16 -0.99
CA SER A 71 -12.63 -8.31 -0.07
C SER A 71 -11.24 -8.90 -0.20
N PHE A 72 -10.76 -9.47 0.90
CA PHE A 72 -9.38 -9.91 1.11
C PHE A 72 -9.44 -11.34 1.61
N ALA A 73 -8.70 -12.25 0.98
CA ALA A 73 -8.61 -13.67 1.36
C ALA A 73 -7.17 -13.99 1.73
N SER A 74 -6.28 -13.00 1.70
CA SER A 74 -4.85 -13.13 2.03
C SER A 74 -4.19 -11.76 2.08
N GLY A 75 -3.01 -11.70 2.68
CA GLY A 75 -2.12 -10.52 2.59
C GLY A 75 -2.41 -9.48 3.65
N LYS A 76 -1.68 -8.39 3.55
CA LYS A 76 -1.73 -7.27 4.51
C LYS A 76 -2.33 -6.06 3.82
N HIS A 77 -3.21 -5.35 4.51
CA HIS A 77 -4.08 -4.30 3.93
C HIS A 77 -4.42 -3.31 5.03
N TYR A 78 -4.38 -2.02 4.72
CA TYR A 78 -4.91 -0.99 5.63
C TYR A 78 -5.48 0.19 4.87
N TRP A 79 -6.29 0.92 5.64
CA TRP A 79 -6.97 2.14 5.18
C TRP A 79 -7.15 3.04 6.39
N GLU A 80 -7.43 4.30 6.17
CA GLU A 80 -7.64 5.26 7.26
C GLU A 80 -9.06 5.83 7.14
N VAL A 81 -9.63 6.17 8.30
CA VAL A 81 -11.02 6.66 8.47
C VAL A 81 -10.94 7.92 9.29
N GLU A 82 -11.59 8.98 8.85
CA GLU A 82 -11.79 10.25 9.62
C GLU A 82 -13.07 10.13 10.46
N VAL A 83 -12.91 10.14 11.79
CA VAL A 83 -14.03 9.93 12.77
C VAL A 83 -14.20 11.19 13.65
N GLU A 84 -13.45 12.26 13.37
CA GLU A 84 -13.47 13.47 14.22
C GLU A 84 -14.87 14.08 14.25
N ASN A 85 -15.73 13.88 13.26
CA ASN A 85 -17.09 14.51 13.34
C ASN A 85 -18.06 13.66 14.19
N VAL A 86 -17.68 12.46 14.65
CA VAL A 86 -18.70 11.43 15.02
C VAL A 86 -18.33 10.84 16.37
N ILE A 87 -19.33 10.56 17.19
CA ILE A 87 -19.07 9.98 18.52
C ILE A 87 -19.91 8.72 18.79
N GLU A 88 -20.75 8.28 17.85
CA GLU A 88 -21.41 6.94 17.90
C GLU A 88 -21.10 6.21 16.60
N TRP A 89 -20.07 5.35 16.63
CA TRP A 89 -19.54 4.71 15.39
C TRP A 89 -18.83 3.38 15.71
N THR A 90 -18.78 2.51 14.71
CA THR A 90 -17.96 1.28 14.75
C THR A 90 -17.21 1.16 13.42
N VAL A 91 -15.94 0.81 13.48
CA VAL A 91 -15.18 0.51 12.26
C VAL A 91 -14.35 -0.75 12.47
N GLY A 92 -14.06 -1.45 11.38
CA GLY A 92 -12.98 -2.43 11.27
C GLY A 92 -13.20 -3.33 10.07
N VAL A 93 -13.30 -4.62 10.35
CA VAL A 93 -13.30 -5.71 9.35
C VAL A 93 -14.37 -6.72 9.78
N CYS A 94 -15.08 -7.30 8.82
CA CYS A 94 -15.96 -8.44 9.13
C CYS A 94 -15.86 -9.54 8.05
N ARG A 95 -16.20 -10.78 8.41
CA ARG A 95 -16.34 -11.85 7.40
C ARG A 95 -17.39 -11.42 6.38
N ASP A 96 -17.25 -11.85 5.12
CA ASP A 96 -18.29 -11.57 4.11
C ASP A 96 -19.57 -12.32 4.46
N SER A 97 -19.50 -13.35 5.28
CA SER A 97 -20.65 -14.22 5.59
C SER A 97 -21.40 -13.74 6.86
N VAL A 98 -21.08 -12.58 7.45
CA VAL A 98 -21.70 -12.19 8.74
C VAL A 98 -23.22 -12.13 8.60
N GLU A 99 -23.94 -12.26 9.71
CA GLU A 99 -25.41 -12.06 9.76
C GLU A 99 -25.72 -10.61 9.35
N ARG A 100 -26.59 -10.41 8.36
CA ARG A 100 -27.01 -9.09 7.83
C ARG A 100 -28.41 -8.67 8.29
N LYS A 101 -29.29 -9.62 8.60
CA LYS A 101 -30.75 -9.39 8.81
C LYS A 101 -31.01 -9.32 10.32
N GLY A 102 -30.61 -10.33 11.06
CA GLY A 102 -30.72 -10.35 12.54
C GLY A 102 -29.67 -9.47 13.20
N GLU A 103 -29.98 -8.93 14.38
CA GLU A 103 -29.01 -8.14 15.15
C GLU A 103 -28.04 -9.08 15.86
N VAL A 104 -26.73 -8.87 15.70
CA VAL A 104 -25.70 -9.65 16.43
C VAL A 104 -24.79 -8.67 17.14
N LEU A 105 -24.15 -9.13 18.19
CA LEU A 105 -23.00 -8.46 18.83
C LEU A 105 -21.89 -8.40 17.77
N LEU A 106 -21.19 -7.27 17.71
CA LEU A 106 -20.19 -7.00 16.66
C LEU A 106 -18.86 -7.42 17.27
N ILE A 107 -18.73 -8.72 17.48
CA ILE A 107 -17.59 -9.35 18.20
C ILE A 107 -16.99 -10.43 17.30
N PRO A 108 -15.74 -10.83 17.61
CA PRO A 108 -15.02 -11.83 16.84
C PRO A 108 -15.79 -13.14 16.65
N GLN A 109 -16.51 -13.58 17.67
CA GLN A 109 -17.32 -14.83 17.57
C GLN A 109 -18.35 -14.75 16.46
N ASN A 110 -18.84 -13.55 16.11
CA ASN A 110 -19.85 -13.39 15.05
C ASN A 110 -19.20 -12.94 13.74
N GLY A 111 -17.86 -12.87 13.69
CA GLY A 111 -17.13 -12.52 12.44
C GLY A 111 -16.94 -11.03 12.27
N PHE A 112 -16.84 -10.30 13.37
CA PHE A 112 -16.60 -8.84 13.39
C PHE A 112 -15.35 -8.55 14.21
N TRP A 113 -14.46 -7.69 13.70
CA TRP A 113 -13.25 -7.20 14.40
C TRP A 113 -13.28 -5.68 14.39
N THR A 114 -13.63 -5.06 15.53
CA THR A 114 -14.10 -3.65 15.55
C THR A 114 -13.40 -2.82 16.60
N LEU A 115 -13.31 -1.53 16.32
CA LEU A 115 -13.11 -0.44 17.30
C LEU A 115 -14.40 0.39 17.25
N GLU A 116 -14.92 0.75 18.42
CA GLU A 116 -16.21 1.41 18.61
C GLU A 116 -15.98 2.65 19.48
N MET A 117 -16.68 3.72 19.13
CA MET A 117 -16.98 4.80 20.09
C MET A 117 -18.47 4.73 20.46
N HIS A 118 -18.72 4.68 21.78
CA HIS A 118 -20.05 4.53 22.44
C HIS A 118 -20.02 5.26 23.78
N LYS A 119 -20.95 6.19 23.99
CA LYS A 119 -21.12 6.95 25.26
C LYS A 119 -19.78 7.53 25.73
N GLY A 120 -19.06 8.16 24.82
CA GLY A 120 -17.84 8.91 25.18
C GLY A 120 -16.66 7.99 25.42
N GLN A 121 -16.79 6.68 25.20
CA GLN A 121 -15.71 5.69 25.44
C GLN A 121 -15.30 4.98 24.13
N TYR A 122 -14.04 4.61 24.02
CA TYR A 122 -13.52 3.72 22.95
C TYR A 122 -13.58 2.31 23.51
N ARG A 123 -14.30 1.45 22.81
CA ARG A 123 -14.42 0.05 23.18
C ARG A 123 -13.81 -0.81 22.08
N ALA A 124 -12.81 -1.61 22.47
CA ALA A 124 -12.24 -2.69 21.66
C ALA A 124 -13.27 -3.78 21.50
N VAL A 125 -13.36 -4.32 20.29
CA VAL A 125 -14.32 -5.39 19.87
C VAL A 125 -15.71 -5.12 20.46
N SER A 126 -16.11 -3.85 20.51
CA SER A 126 -17.49 -3.39 20.82
C SER A 126 -17.90 -3.91 22.19
N SER A 127 -16.99 -3.97 23.15
CA SER A 127 -17.21 -4.69 24.43
C SER A 127 -17.15 -3.70 25.59
N PRO A 128 -18.16 -3.69 26.49
CA PRO A 128 -18.12 -2.81 27.66
C PRO A 128 -17.00 -3.24 28.62
N ASP A 129 -16.45 -4.44 28.46
CA ASP A 129 -15.34 -4.90 29.32
C ASP A 129 -13.98 -4.64 28.69
N ARG A 130 -13.90 -3.88 27.59
CA ARG A 130 -12.62 -3.61 26.89
C ARG A 130 -12.55 -2.12 26.54
N ILE A 131 -12.83 -1.27 27.53
CA ILE A 131 -12.69 0.21 27.45
C ILE A 131 -11.21 0.52 27.24
N LEU A 132 -10.86 1.23 26.19
CA LEU A 132 -9.45 1.62 25.92
C LEU A 132 -9.16 2.93 26.61
N PRO A 133 -8.15 2.99 27.49
CA PRO A 133 -7.90 4.23 28.24
C PRO A 133 -7.20 5.30 27.39
N LEU A 134 -7.86 5.86 26.37
CA LEU A 134 -7.10 6.80 25.49
C LEU A 134 -7.11 8.16 26.14
N LYS A 135 -6.07 8.94 25.93
CA LYS A 135 -5.95 10.27 26.58
C LYS A 135 -6.34 11.38 25.60
N GLU A 136 -6.77 11.06 24.39
CA GLU A 136 -7.12 12.11 23.40
C GLU A 136 -8.33 11.62 22.63
N SER A 137 -9.04 12.54 21.98
CA SER A 137 -10.07 12.24 20.95
C SER A 137 -9.38 11.77 19.67
N LEU A 138 -9.78 10.62 19.17
CA LEU A 138 -9.31 10.09 17.85
C LEU A 138 -9.94 10.91 16.74
N CYS A 139 -9.13 11.28 15.74
CA CYS A 139 -9.55 12.02 14.53
C CYS A 139 -9.42 11.11 13.30
N ARG A 140 -8.26 10.50 13.15
CA ARG A 140 -8.00 9.64 11.98
C ARG A 140 -7.51 8.32 12.51
N VAL A 141 -8.24 7.27 12.20
CA VAL A 141 -7.94 5.88 12.67
C VAL A 141 -7.45 5.03 11.51
N GLY A 142 -6.36 4.31 11.73
CA GLY A 142 -5.86 3.32 10.76
C GLY A 142 -6.43 1.98 11.11
N VAL A 143 -7.03 1.33 10.12
CA VAL A 143 -7.53 -0.06 10.17
C VAL A 143 -6.56 -0.96 9.39
N PHE A 144 -5.93 -1.90 10.09
CA PHE A 144 -4.84 -2.77 9.57
C PHE A 144 -5.33 -4.22 9.57
N LEU A 145 -5.20 -4.91 8.45
CA LEU A 145 -5.55 -6.33 8.34
C LEU A 145 -4.29 -7.09 7.93
N ASP A 146 -3.98 -8.19 8.62
CA ASP A 146 -2.95 -9.16 8.19
C ASP A 146 -3.62 -10.52 8.25
N TYR A 147 -4.11 -10.96 7.09
CA TYR A 147 -5.03 -12.12 6.98
C TYR A 147 -4.35 -13.36 7.60
N GLU A 148 -3.12 -13.66 7.18
CA GLU A 148 -2.42 -14.90 7.61
C GLU A 148 -2.20 -14.82 9.11
N ALA A 149 -1.93 -13.64 9.64
CA ALA A 149 -1.61 -13.44 11.07
C ALA A 149 -2.88 -13.51 11.97
N GLY A 150 -4.09 -13.63 11.41
CA GLY A 150 -5.37 -13.45 12.14
C GLY A 150 -5.48 -12.09 12.83
N ASP A 151 -4.88 -11.06 12.22
CA ASP A 151 -4.63 -9.76 12.88
C ASP A 151 -5.53 -8.68 12.26
N VAL A 152 -6.43 -8.12 13.06
CA VAL A 152 -6.99 -6.75 12.84
C VAL A 152 -6.50 -5.83 13.95
N SER A 153 -5.83 -4.74 13.57
CA SER A 153 -5.25 -3.73 14.46
C SER A 153 -5.78 -2.35 14.10
N PHE A 154 -5.82 -1.47 15.09
CA PHE A 154 -6.25 -0.07 14.98
C PHE A 154 -5.08 0.83 15.39
N TYR A 155 -4.85 1.91 14.66
CA TYR A 155 -3.82 2.92 14.97
C TYR A 155 -4.46 4.32 15.08
N ASN A 156 -3.86 5.15 15.91
CA ASN A 156 -4.09 6.61 16.00
C ASN A 156 -3.14 7.28 15.01
N MET A 157 -3.67 7.74 13.87
CA MET A 157 -2.83 8.21 12.77
C MET A 157 -2.27 9.59 13.10
N ARG A 158 -2.63 10.20 14.23
CA ARG A 158 -2.01 11.47 14.67
C ARG A 158 -0.49 11.28 14.83
N ASP A 159 -0.08 10.23 15.56
CA ASP A 159 1.34 9.90 15.81
C ASP A 159 1.64 8.47 15.35
N ARG A 160 0.72 7.84 14.61
N ARG A 160 0.75 7.83 14.60
CA ARG A 160 0.85 6.46 14.08
CA ARG A 160 0.89 6.44 14.10
C ARG A 160 1.10 5.47 15.24
C ARG A 160 1.05 5.42 15.24
N SER A 161 0.51 5.71 16.42
CA SER A 161 0.66 4.84 17.61
C SER A 161 -0.36 3.71 17.56
N HIS A 162 0.00 2.52 18.06
CA HIS A 162 -0.90 1.36 18.20
C HIS A 162 -2.02 1.69 19.18
N ILE A 163 -3.25 1.29 18.85
CA ILE A 163 -4.39 1.37 19.80
C ILE A 163 -4.68 -0.04 20.34
N TYR A 164 -4.95 -0.97 19.45
CA TYR A 164 -5.50 -2.28 19.80
C TYR A 164 -5.30 -3.24 18.65
N THR A 165 -4.92 -4.47 18.98
CA THR A 165 -5.04 -5.67 18.12
C THR A 165 -6.07 -6.60 18.75
N CYS A 166 -7.05 -7.00 17.97
CA CYS A 166 -8.09 -7.96 18.36
C CYS A 166 -7.43 -9.30 18.65
N PRO A 167 -8.07 -10.16 19.48
CA PRO A 167 -7.58 -11.52 19.65
C PRO A 167 -7.37 -12.13 18.27
N ARG A 168 -6.24 -12.82 18.08
CA ARG A 168 -5.94 -13.49 16.78
C ARG A 168 -7.11 -14.43 16.44
N SER A 169 -7.55 -14.44 15.18
CA SER A 169 -8.74 -15.21 14.77
C SER A 169 -8.46 -15.82 13.41
N ALA A 170 -8.94 -17.04 13.18
CA ALA A 170 -8.90 -17.72 11.88
C ALA A 170 -10.02 -17.12 11.06
N PHE A 171 -9.72 -16.24 10.12
CA PHE A 171 -10.77 -15.51 9.36
C PHE A 171 -11.58 -16.51 8.54
N SER A 172 -10.89 -17.49 7.93
CA SER A 172 -11.45 -18.63 7.15
C SER A 172 -12.02 -18.20 5.81
N VAL A 173 -12.84 -17.16 5.78
CA VAL A 173 -13.52 -16.76 4.52
C VAL A 173 -13.02 -15.37 4.16
N PRO A 174 -13.37 -14.83 2.99
CA PRO A 174 -12.97 -13.46 2.67
C PRO A 174 -13.53 -12.47 3.69
N VAL A 175 -12.76 -11.42 3.99
CA VAL A 175 -13.15 -10.34 4.91
C VAL A 175 -13.23 -9.01 4.15
N ARG A 176 -13.99 -8.08 4.70
CA ARG A 176 -14.31 -6.79 4.08
C ARG A 176 -14.17 -5.67 5.09
N PRO A 177 -13.87 -4.45 4.61
CA PRO A 177 -13.92 -3.25 5.44
C PRO A 177 -15.37 -3.02 5.90
N PHE A 178 -15.49 -2.71 7.19
CA PHE A 178 -16.76 -2.66 7.94
C PHE A 178 -16.91 -1.28 8.55
N PHE A 179 -18.07 -0.65 8.38
CA PHE A 179 -18.41 0.69 8.97
C PHE A 179 -19.84 0.67 9.50
N ARG A 180 -20.06 1.43 10.56
CA ARG A 180 -21.37 1.54 11.23
C ARG A 180 -21.45 2.90 11.92
N LEU A 181 -22.63 3.52 11.82
CA LEU A 181 -23.02 4.74 12.57
C LEU A 181 -24.16 4.40 13.54
N GLY A 182 -24.04 4.87 14.78
CA GLY A 182 -25.03 4.70 15.85
C GLY A 182 -25.93 5.91 15.93
N CYS A 183 -26.38 6.32 17.14
CA CYS A 183 -27.17 7.57 17.32
C CYS A 183 -26.25 8.75 16.96
N GLU A 184 -26.21 9.08 15.66
CA GLU A 184 -25.19 9.97 15.11
C GLU A 184 -25.74 10.55 13.81
N ASP A 185 -25.58 11.87 13.59
CA ASP A 185 -26.00 12.66 12.39
C ASP A 185 -24.79 13.10 11.56
N SER A 186 -23.56 12.95 12.06
CA SER A 186 -22.35 13.43 11.35
C SER A 186 -21.73 12.32 10.50
N PRO A 187 -21.02 12.70 9.43
CA PRO A 187 -20.48 11.72 8.49
C PRO A 187 -19.15 11.12 8.92
N ILE A 188 -18.94 9.88 8.47
CA ILE A 188 -17.61 9.21 8.42
C ILE A 188 -17.03 9.44 7.03
N PHE A 189 -15.74 9.75 6.91
CA PHE A 189 -15.00 9.92 5.64
C PHE A 189 -13.91 8.86 5.62
N ILE A 190 -13.87 8.05 4.57
CA ILE A 190 -12.83 7.03 4.31
C ILE A 190 -11.76 7.69 3.43
N CYS A 191 -10.55 7.82 3.97
CA CYS A 191 -9.39 8.44 3.29
C CYS A 191 -9.04 7.64 2.05
N PRO A 192 -9.21 8.23 0.85
CA PRO A 192 -8.82 7.55 -0.37
C PRO A 192 -7.31 7.23 -0.34
N ALA A 193 -6.91 6.14 -0.99
CA ALA A 193 -5.48 5.85 -1.24
C ALA A 193 -4.88 7.03 -2.04
N LEU A 194 -3.63 7.37 -1.75
CA LEU A 194 -2.89 8.40 -2.50
C LEU A 194 -2.77 7.93 -3.95
N THR A 195 -2.96 8.85 -4.89
CA THR A 195 -2.98 8.52 -6.34
C THR A 195 -2.00 9.42 -7.10
N GLY A 196 -1.30 10.32 -6.42
CA GLY A 196 -0.49 11.33 -7.13
C GLY A 196 -1.38 12.06 -8.14
N ALA A 197 -0.88 12.26 -9.35
CA ALA A 197 -1.52 13.02 -10.44
C ALA A 197 -2.27 12.06 -11.37
N ASN A 198 -2.66 10.90 -10.88
CA ASN A 198 -3.48 9.94 -11.66
C ASN A 198 -4.68 10.69 -12.27
N GLY A 199 -4.85 10.62 -13.58
CA GLY A 199 -6.04 11.19 -14.24
C GLY A 199 -5.90 12.67 -14.51
N VAL A 200 -4.77 13.28 -14.19
CA VAL A 200 -4.64 14.75 -14.26
C VAL A 200 -3.44 15.15 -15.11
N THR A 201 -3.59 16.21 -15.89
CA THR A 201 -2.51 16.91 -16.61
C THR A 201 -1.52 17.47 -15.58
N VAL A 202 -0.27 17.04 -15.72
CA VAL A 202 0.84 17.61 -14.92
C VAL A 202 1.53 18.61 -15.82
N PRO A 203 1.49 19.91 -15.49
CA PRO A 203 2.23 20.89 -16.27
C PRO A 203 3.73 20.57 -16.23
N GLU A 204 4.47 21.18 -17.15
CA GLU A 204 5.94 20.95 -17.29
C GLU A 204 6.69 21.60 -16.12
N GLU A 205 6.04 22.41 -15.28
CA GLU A 205 6.64 22.98 -14.05
C GLU A 205 6.23 22.15 -12.84
N GLY A 206 5.42 21.10 -13.04
CA GLY A 206 4.83 20.30 -11.95
C GLY A 206 3.42 20.76 -11.65
N LEU A 207 2.75 20.01 -10.78
CA LEU A 207 1.35 20.27 -10.36
C LEU A 207 1.40 20.66 -8.89
N THR A 208 0.92 21.83 -8.57
CA THR A 208 1.10 22.45 -7.24
C THR A 208 -0.26 22.47 -6.55
N LEU A 209 -0.33 21.98 -5.30
CA LEU A 209 -1.50 22.07 -4.39
C LEU A 209 -2.79 21.76 -5.17
N HIS A 210 -2.81 20.60 -5.83
CA HIS A 210 -4.00 19.97 -6.44
C HIS A 210 -5.10 19.78 -5.37
N ARG A 211 -6.33 20.25 -5.64
CA ARG A 211 -7.52 20.10 -4.76
C ARG A 211 -8.64 19.39 -5.55
N VAL A 212 -9.24 18.34 -4.97
CA VAL A 212 -10.31 17.49 -5.59
C VAL A 212 -11.69 17.97 -5.13
N ARG B 13 -2.24 -6.02 -9.87
CA ARG B 13 -0.82 -5.53 -9.69
C ARG B 13 -0.84 -3.98 -9.80
N THR B 14 -1.97 -3.41 -9.39
CA THR B 14 -2.39 -1.98 -9.38
C THR B 14 -2.50 -1.51 -7.92
N PHE B 15 -1.96 -2.27 -6.98
CA PHE B 15 -2.12 -2.04 -5.51
C PHE B 15 -1.20 -0.87 -5.16
N LEU B 16 -1.61 0.11 -4.35
CA LEU B 16 -0.64 1.04 -3.73
C LEU B 16 0.18 0.27 -2.68
N HIS B 17 1.50 0.24 -2.82
CA HIS B 17 2.39 -0.40 -1.82
C HIS B 17 2.80 0.63 -0.79
N ALA B 18 2.55 0.38 0.50
CA ALA B 18 3.04 1.19 1.65
C ALA B 18 4.40 0.65 2.08
N VAL B 19 5.45 1.32 1.64
CA VAL B 19 6.82 0.78 1.67
C VAL B 19 7.31 0.86 3.11
N ASP B 20 8.10 -0.13 3.48
CA ASP B 20 8.88 -0.11 4.75
C ASP B 20 10.30 0.32 4.40
N VAL B 21 10.63 1.60 4.58
CA VAL B 21 11.93 2.21 4.15
C VAL B 21 12.96 2.06 5.26
N VAL B 22 14.09 1.48 4.89
CA VAL B 22 15.31 1.27 5.73
C VAL B 22 16.48 1.90 4.95
N LEU B 23 17.21 2.79 5.58
CA LEU B 23 18.34 3.48 4.93
C LEU B 23 19.46 2.46 4.63
N ASP B 24 20.12 2.67 3.49
CA ASP B 24 21.29 1.90 3.01
C ASP B 24 22.56 2.63 3.45
N PRO B 25 23.24 2.15 4.51
CA PRO B 25 24.40 2.85 5.07
C PRO B 25 25.54 3.05 4.06
N ASP B 26 25.62 2.20 3.04
CA ASP B 26 26.71 2.26 2.03
C ASP B 26 26.57 3.52 1.18
N THR B 27 25.37 4.09 1.09
CA THR B 27 25.11 5.31 0.28
C THR B 27 25.44 6.55 1.11
N ALA B 28 25.45 6.45 2.43
CA ALA B 28 25.35 7.61 3.34
C ALA B 28 26.65 8.44 3.31
N HIS B 29 26.55 9.71 2.92
CA HIS B 29 27.61 10.71 3.14
C HIS B 29 28.18 10.53 4.56
N PRO B 30 29.53 10.54 4.71
CA PRO B 30 30.15 10.31 6.02
C PRO B 30 29.66 11.21 7.16
N ASP B 31 29.20 12.45 6.90
CA ASP B 31 28.68 13.36 7.97
C ASP B 31 27.30 12.88 8.44
N LEU B 32 26.64 12.05 7.65
CA LEU B 32 25.34 11.48 8.06
C LEU B 32 25.61 10.42 9.12
N PHE B 33 24.86 10.48 10.21
CA PHE B 33 24.91 9.50 11.31
C PHE B 33 23.56 8.77 11.39
N LEU B 34 23.51 7.49 10.99
CA LEU B 34 22.25 6.71 10.96
C LEU B 34 22.02 6.09 12.34
N SER B 35 20.77 5.98 12.79
CA SER B 35 20.38 5.13 13.95
C SER B 35 20.73 3.67 13.61
N GLU B 36 20.81 2.82 14.63
CA GLU B 36 21.16 1.38 14.44
C GLU B 36 20.03 0.70 13.62
N ASP B 37 18.75 1.06 13.81
CA ASP B 37 17.64 0.47 12.99
C ASP B 37 17.59 1.09 11.59
N ARG B 38 18.37 2.13 11.31
CA ARG B 38 18.48 2.71 9.95
C ARG B 38 17.13 3.27 9.48
N ARG B 39 16.30 3.73 10.41
CA ARG B 39 15.02 4.42 10.13
C ARG B 39 15.10 5.89 10.53
N SER B 40 16.25 6.37 11.00
CA SER B 40 16.46 7.80 11.35
C SER B 40 17.91 8.18 11.10
N VAL B 41 18.14 9.45 10.76
CA VAL B 41 19.46 9.99 10.35
C VAL B 41 19.53 11.44 10.80
N ARG B 42 20.70 11.86 11.30
CA ARG B 42 21.07 13.28 11.53
C ARG B 42 22.42 13.58 10.85
N ARG B 43 22.73 14.86 10.66
CA ARG B 43 23.99 15.30 10.03
C ARG B 43 24.88 15.90 11.12
N CYS B 44 26.09 15.35 11.28
CA CYS B 44 27.11 15.74 12.30
C CYS B 44 28.42 15.99 11.57
N PRO B 45 28.64 17.23 11.10
CA PRO B 45 29.78 17.53 10.27
C PRO B 45 31.11 17.26 10.98
N PHE B 46 32.09 16.77 10.23
CA PHE B 46 33.44 16.42 10.71
C PHE B 46 33.35 15.41 11.87
N ARG B 47 32.36 14.53 11.88
CA ARG B 47 32.26 13.44 12.91
C ARG B 47 33.34 12.37 12.68
N HIS B 48 33.83 12.22 11.46
CA HIS B 48 34.94 11.31 11.07
C HIS B 48 36.27 12.07 11.14
N LEU B 49 36.32 13.19 11.88
CA LEU B 49 37.59 13.96 11.97
C LEU B 49 38.68 13.05 12.53
N GLY B 50 39.81 12.97 11.85
CA GLY B 50 40.93 12.12 12.30
C GLY B 50 40.84 10.72 11.73
N GLU B 51 39.77 10.41 10.97
CA GLU B 51 39.55 9.09 10.38
C GLU B 51 39.76 9.19 8.87
N SER B 52 40.18 8.10 8.25
CA SER B 52 40.21 7.88 6.78
C SER B 52 38.98 7.06 6.43
N VAL B 53 38.02 7.65 5.71
CA VAL B 53 36.74 6.97 5.35
C VAL B 53 36.94 6.33 3.98
N PRO B 54 36.64 5.02 3.82
CA PRO B 54 36.81 4.40 2.52
C PRO B 54 35.68 4.99 1.66
N ASP B 55 36.00 5.29 0.40
CA ASP B 55 35.14 6.14 -0.47
C ASP B 55 34.54 5.23 -1.55
N ASN B 56 33.92 4.11 -1.12
CA ASN B 56 33.20 3.13 -1.97
C ASN B 56 32.31 3.85 -3.00
N PRO B 57 32.17 3.29 -4.21
CA PRO B 57 31.42 3.93 -5.30
C PRO B 57 29.94 4.27 -5.00
N GLU B 58 29.31 3.61 -4.03
CA GLU B 58 27.87 3.83 -3.71
C GLU B 58 27.71 5.09 -2.85
N ARG B 59 28.76 5.54 -2.15
CA ARG B 59 28.60 6.62 -1.13
C ARG B 59 28.60 8.00 -1.81
N PHE B 60 27.65 8.86 -1.40
CA PHE B 60 27.69 10.32 -1.74
C PHE B 60 28.86 10.98 -0.98
N ASP B 61 29.73 11.67 -1.71
CA ASP B 61 31.00 12.20 -1.14
C ASP B 61 30.90 13.70 -0.89
N SER B 62 29.95 14.43 -1.51
CA SER B 62 29.82 15.91 -1.37
C SER B 62 28.44 16.31 -0.85
N GLN B 63 27.40 15.79 -1.47
CA GLN B 63 26.00 16.03 -1.07
C GLN B 63 25.72 15.17 0.16
N PRO B 64 25.25 15.78 1.27
CA PRO B 64 24.96 15.01 2.49
C PRO B 64 23.66 14.19 2.37
N CYS B 65 23.72 13.15 1.53
CA CYS B 65 22.58 12.35 1.05
C CYS B 65 22.73 10.90 1.51
N VAL B 66 21.58 10.22 1.57
CA VAL B 66 21.43 8.77 1.85
C VAL B 66 20.18 8.24 1.13
N LEU B 67 20.25 7.01 0.65
CA LEU B 67 19.16 6.38 -0.10
C LEU B 67 18.53 5.30 0.77
N GLY B 68 17.28 4.95 0.50
CA GLY B 68 16.64 3.73 1.01
C GLY B 68 17.24 2.54 0.28
N ARG B 69 17.29 1.39 0.94
CA ARG B 69 17.89 0.15 0.39
C ARG B 69 16.93 -0.40 -0.66
N GLU B 70 15.68 0.06 -0.71
CA GLU B 70 14.69 -0.43 -1.68
C GLU B 70 14.95 0.24 -3.03
N SER B 71 14.68 -0.49 -4.10
CA SER B 71 14.69 -0.10 -5.52
C SER B 71 13.31 -0.39 -6.07
N PHE B 72 12.84 0.40 -7.02
CA PHE B 72 11.53 0.16 -7.66
C PHE B 72 11.72 0.30 -9.15
N ALA B 73 11.21 -0.65 -9.88
CA ALA B 73 11.30 -0.62 -11.35
C ALA B 73 9.89 -0.63 -11.91
N SER B 74 8.88 -0.61 -11.04
CA SER B 74 7.47 -0.70 -11.47
C SER B 74 6.52 -0.39 -10.31
N GLY B 75 5.26 -0.08 -10.63
CA GLY B 75 4.15 -0.01 -9.68
C GLY B 75 4.14 1.29 -8.89
N LYS B 76 3.30 1.33 -7.85
CA LYS B 76 2.98 2.47 -6.98
C LYS B 76 3.46 2.18 -5.56
N HIS B 77 4.10 3.17 -4.97
CA HIS B 77 4.86 2.99 -3.71
C HIS B 77 4.76 4.31 -2.94
N TYR B 78 4.60 4.29 -1.63
CA TYR B 78 4.77 5.55 -0.85
C TYR B 78 5.25 5.25 0.56
N TRP B 79 5.81 6.29 1.16
CA TRP B 79 6.33 6.26 2.53
C TRP B 79 6.20 7.65 3.11
N GLU B 80 6.31 7.73 4.42
CA GLU B 80 6.11 8.99 5.17
C GLU B 80 7.38 9.29 5.95
N VAL B 81 7.69 10.57 6.07
CA VAL B 81 8.90 11.09 6.77
C VAL B 81 8.45 12.17 7.75
N GLU B 82 9.00 12.13 8.97
CA GLU B 82 8.83 13.16 10.04
C GLU B 82 10.00 14.13 9.92
N VAL B 83 9.69 15.41 9.76
CA VAL B 83 10.68 16.48 9.43
C VAL B 83 10.51 17.65 10.41
N GLU B 84 9.66 17.47 11.41
CA GLU B 84 9.40 18.51 12.44
C GLU B 84 10.74 19.01 13.03
N ASN B 85 10.94 20.32 13.06
CA ASN B 85 12.08 21.00 13.75
C ASN B 85 13.40 20.71 13.02
N VAL B 86 13.33 20.22 11.80
CA VAL B 86 14.53 20.11 10.94
C VAL B 86 14.44 21.29 9.98
N ILE B 87 15.42 22.18 9.98
CA ILE B 87 15.35 23.47 9.25
C ILE B 87 15.83 23.27 7.82
N GLU B 88 16.64 22.24 7.53
CA GLU B 88 17.14 22.02 6.14
C GLU B 88 17.06 20.53 5.80
N TRP B 89 16.14 20.15 4.93
CA TRP B 89 15.94 18.73 4.53
C TRP B 89 15.49 18.64 3.08
N THR B 90 15.73 17.48 2.49
CA THR B 90 15.24 17.10 1.16
C THR B 90 14.71 15.68 1.25
N VAL B 91 13.55 15.43 0.65
CA VAL B 91 13.04 14.04 0.48
C VAL B 91 12.64 13.87 -0.97
N GLY B 92 12.38 12.61 -1.36
CA GLY B 92 11.99 12.28 -2.73
C GLY B 92 12.60 10.97 -3.18
N VAL B 93 12.89 10.90 -4.46
CA VAL B 93 13.18 9.67 -5.24
C VAL B 93 14.36 10.02 -6.15
N CYS B 94 15.24 9.08 -6.43
CA CYS B 94 16.34 9.31 -7.41
C CYS B 94 16.62 7.99 -8.13
N ARG B 95 17.17 8.08 -9.34
CA ARG B 95 17.62 6.89 -10.09
C ARG B 95 18.71 6.19 -9.29
N ASP B 96 18.82 4.88 -9.38
CA ASP B 96 19.93 4.13 -8.75
C ASP B 96 21.28 4.58 -9.36
N SER B 97 21.25 5.08 -10.57
CA SER B 97 22.42 5.44 -11.41
C SER B 97 22.86 6.90 -11.20
N VAL B 98 22.31 7.64 -10.22
CA VAL B 98 22.64 9.09 -10.12
C VAL B 98 24.12 9.19 -9.77
N GLU B 99 24.70 10.33 -10.16
CA GLU B 99 26.09 10.70 -9.82
C GLU B 99 26.16 10.75 -8.30
N ARG B 100 27.08 10.01 -7.68
CA ARG B 100 27.34 10.04 -6.22
C ARG B 100 28.44 11.03 -5.86
N LYS B 101 29.35 11.33 -6.79
CA LYS B 101 30.65 12.02 -6.51
C LYS B 101 30.59 13.46 -7.05
N GLY B 102 30.94 14.43 -6.22
CA GLY B 102 30.91 15.86 -6.61
C GLY B 102 29.58 16.52 -6.27
N GLU B 103 29.42 17.77 -6.75
CA GLU B 103 28.25 18.65 -6.47
C GLU B 103 27.29 18.54 -7.65
N VAL B 104 26.49 17.49 -7.68
CA VAL B 104 25.50 17.24 -8.75
C VAL B 104 24.29 18.12 -8.45
N LEU B 105 23.65 18.73 -9.45
CA LEU B 105 22.36 19.46 -9.21
C LEU B 105 21.21 18.43 -9.02
N LEU B 106 20.43 18.59 -7.96
CA LEU B 106 19.39 17.64 -7.51
C LEU B 106 18.07 17.96 -8.24
N ILE B 107 18.05 17.71 -9.55
CA ILE B 107 17.00 18.15 -10.49
C ILE B 107 16.60 16.97 -11.34
N PRO B 108 15.38 16.98 -11.92
CA PRO B 108 14.92 15.85 -12.72
C PRO B 108 15.88 15.42 -13.83
N GLN B 109 16.55 16.33 -14.51
CA GLN B 109 17.42 15.92 -15.66
C GLN B 109 18.62 15.07 -15.15
N ASN B 110 19.09 15.27 -13.91
CA ASN B 110 20.14 14.44 -13.24
C ASN B 110 19.57 13.25 -12.47
N GLY B 111 18.26 12.98 -12.57
CA GLY B 111 17.64 11.78 -11.94
C GLY B 111 17.27 12.00 -10.48
N PHE B 112 16.92 13.22 -10.10
CA PHE B 112 16.45 13.52 -8.72
C PHE B 112 15.10 14.23 -8.76
N TRP B 113 14.16 13.77 -7.91
CA TRP B 113 12.76 14.25 -7.80
C TRP B 113 12.50 14.57 -6.32
N THR B 114 12.48 15.85 -5.96
CA THR B 114 12.65 16.26 -4.55
C THR B 114 11.65 17.34 -4.15
N LEU B 115 11.41 17.35 -2.84
CA LEU B 115 10.77 18.43 -2.05
C LEU B 115 11.82 18.79 -1.00
N GLU B 116 12.04 20.08 -0.76
CA GLU B 116 13.13 20.55 0.10
C GLU B 116 12.59 21.66 1.01
N MET B 117 12.99 21.64 2.28
CA MET B 117 12.93 22.85 3.14
C MET B 117 14.31 23.50 3.12
N HIS B 118 14.35 24.80 2.82
CA HIS B 118 15.58 25.64 2.65
C HIS B 118 15.27 27.09 3.06
N LYS B 119 15.91 27.55 4.14
CA LYS B 119 15.78 28.96 4.64
C LYS B 119 14.30 29.33 4.84
N GLY B 120 13.56 28.51 5.59
CA GLY B 120 12.16 28.75 5.96
C GLY B 120 11.17 28.61 4.80
N GLN B 121 11.60 28.16 3.61
CA GLN B 121 10.68 27.98 2.45
C GLN B 121 10.69 26.52 1.95
N TYR B 122 9.57 26.10 1.36
CA TYR B 122 9.47 24.77 0.70
C TYR B 122 9.72 24.98 -0.77
N ARG B 123 10.59 24.16 -1.36
CA ARG B 123 10.96 24.29 -2.80
C ARG B 123 10.77 22.96 -3.50
N ALA B 124 9.95 22.94 -4.54
CA ALA B 124 9.81 21.80 -5.45
C ALA B 124 11.10 21.62 -6.29
N VAL B 125 11.48 20.38 -6.53
CA VAL B 125 12.65 19.92 -7.34
C VAL B 125 13.87 20.80 -7.02
N SER B 126 14.01 21.12 -5.73
CA SER B 126 15.16 21.87 -5.16
C SER B 126 15.42 23.16 -5.96
N SER B 127 14.40 23.78 -6.56
CA SER B 127 14.54 24.97 -7.46
C SER B 127 14.09 26.25 -6.75
N PRO B 128 14.92 27.33 -6.74
CA PRO B 128 14.55 28.60 -6.11
C PRO B 128 13.42 29.31 -6.87
N ASP B 129 13.14 28.85 -8.08
CA ASP B 129 12.06 29.32 -8.98
C ASP B 129 10.74 28.55 -8.73
N ARG B 130 10.68 27.63 -7.77
CA ARG B 130 9.43 26.86 -7.49
C ARG B 130 9.20 26.83 -5.98
N ILE B 131 9.13 28.00 -5.37
CA ILE B 131 8.77 28.14 -3.93
C ILE B 131 7.30 27.72 -3.83
N LEU B 132 6.97 26.81 -2.92
CA LEU B 132 5.56 26.37 -2.76
C LEU B 132 4.95 27.18 -1.65
N PRO B 133 3.77 27.76 -1.90
CA PRO B 133 3.18 28.69 -0.94
C PRO B 133 2.37 27.93 0.12
N LEU B 134 3.03 27.15 0.98
CA LEU B 134 2.32 26.43 2.07
C LEU B 134 2.03 27.39 3.21
N LYS B 135 0.89 27.17 3.85
CA LYS B 135 0.34 28.03 4.93
C LYS B 135 0.56 27.37 6.31
N GLU B 136 1.44 26.38 6.41
CA GLU B 136 1.78 25.70 7.69
C GLU B 136 3.16 25.06 7.60
N SER B 137 3.81 24.81 8.73
CA SER B 137 5.06 24.02 8.80
C SER B 137 4.75 22.54 8.56
N LEU B 138 5.38 21.94 7.58
CA LEU B 138 5.23 20.49 7.35
C LEU B 138 5.83 19.73 8.55
N CYS B 139 5.15 18.70 8.98
CA CYS B 139 5.57 17.83 10.09
C CYS B 139 5.76 16.40 9.59
N ARG B 140 4.75 15.86 8.92
CA ARG B 140 4.87 14.53 8.31
C ARG B 140 4.56 14.64 6.81
N VAL B 141 5.54 14.25 5.99
CA VAL B 141 5.49 14.34 4.51
C VAL B 141 5.34 12.94 3.89
N GLY B 142 4.37 12.80 3.00
CA GLY B 142 4.19 11.61 2.16
C GLY B 142 4.99 11.73 0.87
N VAL B 143 5.76 10.69 0.56
CA VAL B 143 6.52 10.59 -0.71
C VAL B 143 5.84 9.47 -1.51
N PHE B 144 5.38 9.79 -2.73
CA PHE B 144 4.58 8.91 -3.59
C PHE B 144 5.28 8.72 -4.93
N LEU B 145 5.36 7.46 -5.36
CA LEU B 145 5.95 7.08 -6.67
C LEU B 145 4.90 6.32 -7.46
N ASP B 146 4.66 6.67 -8.73
CA ASP B 146 3.93 5.77 -9.67
C ASP B 146 4.86 5.67 -10.89
N TYR B 147 5.60 4.57 -10.97
CA TYR B 147 6.71 4.36 -11.92
C TYR B 147 6.18 4.55 -13.35
N GLU B 148 5.11 3.86 -13.72
CA GLU B 148 4.65 3.85 -15.13
C GLU B 148 4.08 5.24 -15.49
N ALA B 149 3.65 6.01 -14.50
CA ALA B 149 3.04 7.35 -14.66
C ALA B 149 4.11 8.45 -14.73
N GLY B 150 5.39 8.11 -14.53
CA GLY B 150 6.44 9.13 -14.42
C GLY B 150 6.24 10.06 -13.25
N ASP B 151 5.54 9.60 -12.21
CA ASP B 151 4.99 10.45 -11.11
C ASP B 151 5.83 10.29 -9.84
N VAL B 152 6.39 11.40 -9.36
CA VAL B 152 6.79 11.57 -7.95
C VAL B 152 5.97 12.73 -7.37
N SER B 153 5.20 12.44 -6.32
CA SER B 153 4.28 13.38 -5.66
C SER B 153 4.60 13.45 -4.17
N PHE B 154 4.30 14.60 -3.61
CA PHE B 154 4.50 14.88 -2.17
C PHE B 154 3.15 15.27 -1.57
N TYR B 155 2.91 14.83 -0.34
CA TYR B 155 1.68 15.03 0.44
C TYR B 155 2.00 15.57 1.82
N ASN B 156 1.14 16.43 2.34
CA ASN B 156 1.12 16.85 3.76
C ASN B 156 0.25 15.85 4.52
N MET B 157 0.84 14.99 5.34
CA MET B 157 0.09 13.88 5.94
C MET B 157 -0.74 14.37 7.14
N ARG B 158 -0.70 15.65 7.49
CA ARG B 158 -1.62 16.17 8.53
C ARG B 158 -3.06 15.99 8.01
N ASP B 159 -3.35 16.43 6.78
CA ASP B 159 -4.73 16.39 6.19
C ASP B 159 -4.73 15.56 4.91
N ARG B 160 -3.63 14.87 4.60
CA ARG B 160 -3.44 14.04 3.40
C ARG B 160 -3.62 14.89 2.13
N SER B 161 -3.29 16.18 2.20
CA SER B 161 -3.46 17.13 1.08
C SER B 161 -2.27 16.99 0.10
N HIS B 162 -2.54 17.11 -1.19
CA HIS B 162 -1.49 17.17 -2.22
C HIS B 162 -0.62 18.42 -2.01
N ILE B 163 0.71 18.28 -2.14
CA ILE B 163 1.65 19.43 -2.14
C ILE B 163 2.10 19.68 -3.57
N TYR B 164 2.62 18.65 -4.22
CA TYR B 164 3.38 18.79 -5.49
C TYR B 164 3.54 17.43 -6.17
N THR B 165 3.33 17.44 -7.49
CA THR B 165 3.81 16.38 -8.40
C THR B 165 4.87 17.00 -9.31
N CYS B 166 6.02 16.36 -9.41
CA CYS B 166 7.11 16.80 -10.31
C CYS B 166 6.66 16.61 -11.75
N PRO B 167 7.30 17.30 -12.71
CA PRO B 167 7.02 17.08 -14.11
C PRO B 167 7.10 15.59 -14.40
N ARG B 168 6.19 15.08 -15.23
CA ARG B 168 6.24 13.63 -15.52
C ARG B 168 7.61 13.31 -16.13
N SER B 169 8.28 12.24 -15.69
CA SER B 169 9.65 11.86 -16.15
C SER B 169 9.70 10.38 -16.46
N ALA B 170 10.37 10.02 -17.53
CA ALA B 170 10.73 8.64 -17.91
C ALA B 170 11.85 8.21 -16.95
N PHE B 171 11.58 7.34 -15.98
CA PHE B 171 12.59 6.98 -14.97
C PHE B 171 13.70 6.13 -15.60
N SER B 172 13.33 5.23 -16.51
CA SER B 172 14.18 4.35 -17.36
C SER B 172 14.83 3.26 -16.53
N VAL B 173 15.38 3.58 -15.38
CA VAL B 173 16.11 2.62 -14.51
C VAL B 173 15.37 2.54 -13.17
N PRO B 174 15.77 1.61 -12.29
CA PRO B 174 15.16 1.51 -10.97
C PRO B 174 15.44 2.80 -10.20
N VAL B 175 14.49 3.22 -9.36
CA VAL B 175 14.61 4.42 -8.53
C VAL B 175 14.53 4.00 -7.07
N ARG B 176 14.98 4.86 -6.19
CA ARG B 176 15.14 4.57 -4.77
C ARG B 176 14.69 5.77 -3.98
N PRO B 177 14.29 5.56 -2.72
CA PRO B 177 14.03 6.68 -1.81
C PRO B 177 15.33 7.45 -1.61
N PHE B 178 15.17 8.78 -1.54
CA PHE B 178 16.24 9.78 -1.48
C PHE B 178 16.00 10.75 -0.30
N PHE B 179 17.08 11.04 0.42
CA PHE B 179 17.13 11.91 1.62
C PHE B 179 18.37 12.79 1.57
N ARG B 180 18.24 14.05 1.98
CA ARG B 180 19.36 15.00 2.21
C ARG B 180 19.12 15.75 3.53
N LEU B 181 20.18 15.98 4.32
CA LEU B 181 20.13 16.89 5.49
C LEU B 181 21.15 18.02 5.30
N GLY B 182 20.67 19.26 5.41
CA GLY B 182 21.50 20.47 5.21
C GLY B 182 21.72 21.23 6.52
N CYS B 183 21.40 20.63 7.66
CA CYS B 183 21.59 21.25 8.99
C CYS B 183 22.11 20.18 9.95
N GLU B 184 22.52 20.58 11.15
CA GLU B 184 23.30 19.77 12.11
C GLU B 184 22.41 19.31 13.23
N ASP B 185 22.63 18.11 13.76
CA ASP B 185 22.01 17.62 15.02
C ASP B 185 20.49 17.68 15.00
N SER B 186 19.90 17.58 13.81
CA SER B 186 18.43 17.64 13.56
C SER B 186 18.02 16.40 12.78
N PRO B 187 17.49 15.39 13.47
CA PRO B 187 17.13 14.13 12.85
C PRO B 187 15.80 14.22 12.11
N ILE B 188 15.73 13.50 10.99
CA ILE B 188 14.48 13.09 10.32
C ILE B 188 14.22 11.62 10.66
N PHE B 189 12.96 11.21 10.70
CA PHE B 189 12.51 9.83 10.98
C PHE B 189 11.69 9.36 9.79
N ILE B 190 12.00 8.18 9.28
CA ILE B 190 11.21 7.50 8.22
C ILE B 190 10.19 6.63 8.93
N CYS B 191 8.90 6.84 8.68
CA CYS B 191 7.81 6.17 9.42
C CYS B 191 7.76 4.72 8.92
N PRO B 192 8.01 3.76 9.81
CA PRO B 192 7.85 2.36 9.48
C PRO B 192 6.46 2.07 8.91
N ALA B 193 6.39 1.13 7.99
CA ALA B 193 5.11 0.53 7.58
C ALA B 193 4.47 -0.09 8.83
N LEU B 194 3.17 0.13 9.01
CA LEU B 194 2.36 -0.56 10.03
C LEU B 194 2.51 -2.08 9.88
N THR B 195 2.65 -2.76 11.01
CA THR B 195 2.88 -4.22 11.05
C THR B 195 1.86 -4.89 11.97
N GLY B 196 0.95 -4.14 12.57
CA GLY B 196 0.04 -4.76 13.55
C GLY B 196 0.82 -5.42 14.68
N ALA B 197 0.40 -6.61 15.09
CA ALA B 197 0.96 -7.36 16.23
C ALA B 197 2.07 -8.34 15.73
N ASN B 198 2.67 -8.07 14.58
CA ASN B 198 3.80 -8.88 14.02
C ASN B 198 4.90 -9.09 15.06
N GLY B 199 5.22 -10.35 15.38
CA GLY B 199 6.33 -10.76 16.28
C GLY B 199 5.98 -10.63 17.77
N VAL B 200 4.71 -10.47 18.08
CA VAL B 200 4.30 -10.11 19.46
C VAL B 200 3.18 -11.08 19.85
N THR B 201 3.22 -11.55 21.09
CA THR B 201 2.10 -12.36 21.65
C THR B 201 0.86 -11.46 21.78
N VAL B 202 -0.27 -11.90 21.26
CA VAL B 202 -1.56 -11.16 21.47
C VAL B 202 -2.39 -11.88 22.54
N PRO B 203 -2.58 -11.25 23.72
CA PRO B 203 -3.43 -11.85 24.76
C PRO B 203 -4.83 -12.07 24.20
N GLU B 204 -5.56 -12.99 24.82
CA GLU B 204 -6.90 -13.44 24.36
C GLU B 204 -7.93 -12.30 24.55
N GLU B 205 -7.60 -11.29 25.32
CA GLU B 205 -8.49 -10.10 25.44
C GLU B 205 -8.03 -9.02 24.44
N GLY B 206 -6.96 -9.29 23.67
CA GLY B 206 -6.38 -8.35 22.72
C GLY B 206 -5.14 -7.71 23.31
N LEU B 207 -4.40 -7.01 22.47
CA LEU B 207 -3.17 -6.26 22.81
C LEU B 207 -3.50 -4.77 22.76
N THR B 208 -3.12 -4.06 23.81
CA THR B 208 -3.55 -2.66 24.04
C THR B 208 -2.33 -1.77 24.12
N LEU B 209 -2.29 -0.74 23.27
CA LEU B 209 -1.35 0.40 23.42
C LEU B 209 0.08 -0.16 23.52
N HIS B 210 0.41 -1.07 22.60
CA HIS B 210 1.78 -1.58 22.33
C HIS B 210 2.73 -0.40 22.01
N ARG B 211 3.99 -0.47 22.45
CA ARG B 211 5.09 0.51 22.16
C ARG B 211 6.35 -0.24 21.70
N GLU C 6 -13.28 28.18 -51.34
CA GLU C 6 -11.80 28.01 -51.42
C GLU C 6 -11.47 26.77 -52.25
N TRP C 7 -10.63 26.94 -53.27
CA TRP C 7 -10.02 25.88 -54.12
C TRP C 7 -9.11 24.98 -53.27
N LYS C 8 -8.39 25.56 -52.30
CA LYS C 8 -7.33 24.88 -51.49
C LYS C 8 -7.96 23.83 -50.57
N LYS C 9 -9.06 24.15 -49.90
CA LYS C 9 -9.92 23.23 -49.10
C LYS C 9 -10.21 21.95 -49.90
N ALA C 10 -10.59 22.12 -51.16
CA ALA C 10 -11.09 21.04 -52.06
C ALA C 10 -9.95 20.10 -52.49
N LEU C 11 -8.67 20.38 -52.18
CA LEU C 11 -7.52 19.44 -52.42
C LEU C 11 -7.59 18.28 -51.39
N PHE C 12 -8.28 18.49 -50.28
CA PHE C 12 -8.27 17.57 -49.11
C PHE C 12 -9.44 16.59 -49.23
N LYS C 13 -9.16 15.28 -49.31
CA LYS C 13 -10.19 14.21 -49.35
C LYS C 13 -10.84 14.10 -47.96
N PRO C 14 -12.18 14.24 -47.80
CA PRO C 14 -12.84 13.90 -46.53
C PRO C 14 -12.51 12.46 -46.12
N ALA C 15 -11.78 12.28 -45.01
CA ALA C 15 -11.45 10.93 -44.50
C ALA C 15 -12.66 10.41 -43.73
N ASP C 16 -12.90 9.11 -43.85
CA ASP C 16 -13.96 8.39 -43.13
C ASP C 16 -13.32 7.82 -41.86
N VAL C 17 -13.48 8.47 -40.71
CA VAL C 17 -12.65 8.10 -39.52
C VAL C 17 -13.49 7.28 -38.51
N ILE C 18 -13.05 6.06 -38.23
CA ILE C 18 -13.78 5.13 -37.33
C ILE C 18 -12.84 4.73 -36.20
N LEU C 19 -13.33 4.87 -34.98
CA LEU C 19 -12.56 4.58 -33.74
C LEU C 19 -12.31 3.08 -33.69
N ASP C 20 -11.09 2.68 -33.34
CA ASP C 20 -10.64 1.27 -33.25
C ASP C 20 -10.67 0.86 -31.77
N PRO C 21 -11.70 0.10 -31.31
CA PRO C 21 -11.79 -0.33 -29.91
C PRO C 21 -10.59 -1.14 -29.41
N LYS C 22 -9.90 -1.88 -30.26
CA LYS C 22 -8.66 -2.60 -29.88
C LYS C 22 -7.60 -1.63 -29.32
N THR C 23 -7.68 -0.34 -29.67
CA THR C 23 -6.66 0.67 -29.28
C THR C 23 -7.12 1.44 -28.03
N ALA C 24 -8.42 1.46 -27.72
CA ALA C 24 -8.97 2.36 -26.66
C ALA C 24 -8.47 1.94 -25.28
N ASN C 25 -7.95 2.89 -24.50
N ASN C 25 -7.96 2.90 -24.49
CA ASN C 25 -7.58 2.63 -23.08
CA ASN C 25 -7.61 2.69 -23.07
C ASN C 25 -8.84 2.11 -22.44
C ASN C 25 -8.86 2.11 -22.43
N PRO C 26 -8.75 1.06 -21.58
CA PRO C 26 -9.92 0.46 -20.92
C PRO C 26 -10.94 1.38 -20.25
N ILE C 27 -10.57 2.62 -19.94
CA ILE C 27 -11.48 3.58 -19.24
C ILE C 27 -12.27 4.34 -20.30
N LEU C 28 -12.01 4.05 -21.58
CA LEU C 28 -12.80 4.66 -22.69
C LEU C 28 -13.90 3.69 -23.16
N LEU C 29 -15.06 4.25 -23.50
CA LEU C 29 -16.21 3.57 -24.17
C LEU C 29 -16.39 4.14 -25.58
N VAL C 30 -16.04 3.34 -26.58
CA VAL C 30 -16.37 3.58 -28.01
C VAL C 30 -17.84 3.19 -28.25
N SER C 31 -18.66 4.09 -28.78
CA SER C 31 -20.05 3.89 -29.23
C SER C 31 -20.21 2.71 -30.23
N GLU C 32 -21.47 2.36 -30.49
CA GLU C 32 -21.89 1.27 -31.43
C GLU C 32 -21.32 1.60 -32.82
N ASP C 33 -21.59 2.80 -33.30
CA ASP C 33 -21.24 3.27 -34.67
C ASP C 33 -19.73 3.56 -34.84
N GLN C 34 -18.94 3.55 -33.75
CA GLN C 34 -17.45 3.71 -33.74
C GLN C 34 -17.08 5.15 -34.16
N ARG C 35 -17.97 6.11 -33.89
CA ARG C 35 -17.80 7.56 -34.15
C ARG C 35 -17.65 8.36 -32.85
N SER C 36 -18.04 7.80 -31.72
CA SER C 36 -18.17 8.59 -30.47
C SER C 36 -17.38 7.92 -29.37
N VAL C 37 -16.83 8.72 -28.44
CA VAL C 37 -16.05 8.19 -27.29
C VAL C 37 -16.43 8.99 -26.04
N GLN C 38 -16.73 8.26 -24.97
CA GLN C 38 -16.97 8.77 -23.60
C GLN C 38 -15.97 8.08 -22.65
N ARG C 39 -15.85 8.63 -21.45
CA ARG C 39 -15.12 7.95 -20.34
C ARG C 39 -16.11 7.15 -19.47
N ALA C 40 -15.76 5.92 -19.12
CA ALA C 40 -16.30 5.15 -17.95
C ALA C 40 -15.78 5.74 -16.64
N LYS C 41 -16.46 5.46 -15.52
CA LYS C 41 -16.01 5.88 -14.16
C LYS C 41 -14.69 5.17 -13.89
N GLU C 42 -14.54 3.93 -14.35
CA GLU C 42 -13.41 3.04 -13.99
C GLU C 42 -13.06 2.13 -15.15
N PRO C 43 -11.79 1.72 -15.25
CA PRO C 43 -11.38 0.83 -16.33
C PRO C 43 -12.33 -0.38 -16.47
N GLN C 44 -12.65 -0.78 -17.70
CA GLN C 44 -13.34 -2.06 -18.03
C GLN C 44 -12.31 -3.19 -17.96
N ASP C 45 -12.75 -4.44 -17.86
CA ASP C 45 -11.84 -5.60 -17.80
C ASP C 45 -11.46 -6.04 -19.23
N LEU C 46 -10.49 -5.37 -19.86
CA LEU C 46 -10.12 -5.66 -21.28
C LEU C 46 -8.74 -6.26 -21.30
N PRO C 47 -8.36 -6.99 -22.36
CA PRO C 47 -6.97 -7.37 -22.55
C PRO C 47 -6.07 -6.15 -22.71
N ASP C 48 -4.82 -6.28 -22.28
CA ASP C 48 -3.68 -5.40 -22.61
C ASP C 48 -3.01 -5.90 -23.91
N ASN C 49 -3.76 -6.01 -24.99
CA ASN C 49 -3.19 -6.39 -26.31
C ASN C 49 -2.23 -5.29 -26.77
N PRO C 50 -1.21 -5.62 -27.58
CA PRO C 50 -0.19 -4.65 -27.97
C PRO C 50 -0.74 -3.35 -28.54
N GLU C 51 -1.95 -3.35 -29.10
CA GLU C 51 -2.54 -2.19 -29.81
C GLU C 51 -3.11 -1.19 -28.79
N ARG C 52 -3.35 -1.62 -27.56
CA ARG C 52 -4.17 -0.79 -26.65
C ARG C 52 -3.27 0.22 -25.95
N PHE C 53 -3.70 1.47 -25.87
CA PHE C 53 -3.10 2.48 -24.95
C PHE C 53 -3.43 2.05 -23.52
N ASN C 54 -2.43 1.68 -22.72
CA ASN C 54 -2.75 1.16 -21.35
C ASN C 54 -2.58 2.25 -20.29
N TRP C 55 -2.08 3.45 -20.62
CA TRP C 55 -1.88 4.56 -19.66
C TRP C 55 -2.65 5.81 -20.12
N HIS C 56 -2.29 6.39 -21.25
CA HIS C 56 -3.02 7.54 -21.82
C HIS C 56 -4.44 7.13 -22.21
N TYR C 57 -5.41 8.02 -21.96
CA TYR C 57 -6.85 7.79 -22.23
C TYR C 57 -7.12 8.08 -23.71
N CYS C 58 -6.45 7.34 -24.57
CA CYS C 58 -6.36 7.56 -26.04
C CYS C 58 -7.08 6.44 -26.78
N VAL C 59 -7.53 6.73 -27.99
CA VAL C 59 -8.05 5.79 -29.04
C VAL C 59 -7.69 6.32 -30.44
N LEU C 60 -7.24 5.44 -31.33
CA LEU C 60 -6.92 5.71 -32.76
C LEU C 60 -8.11 5.37 -33.65
N GLY C 61 -8.13 6.01 -34.81
CA GLY C 61 -8.89 5.52 -35.98
C GLY C 61 -8.40 4.17 -36.42
N CYS C 62 -9.15 3.51 -37.30
CA CYS C 62 -8.76 2.19 -37.86
C CYS C 62 -7.79 2.36 -39.04
N GLU C 63 -8.03 3.37 -39.85
CA GLU C 63 -7.20 3.66 -41.06
C GLU C 63 -6.09 4.63 -40.64
N SER C 64 -4.85 4.36 -41.02
CA SER C 64 -3.72 5.33 -40.95
C SER C 64 -3.51 6.02 -42.31
N PHE C 65 -2.88 7.23 -42.30
CA PHE C 65 -2.50 8.00 -43.52
C PHE C 65 -1.04 7.74 -43.90
N ILE C 66 -0.78 7.48 -45.19
CA ILE C 66 0.56 7.15 -45.73
C ILE C 66 0.93 8.11 -46.88
N SER C 67 0.01 8.93 -47.37
CA SER C 67 0.23 9.89 -48.47
C SER C 67 -1.05 10.69 -48.65
N GLY C 68 -0.96 11.77 -49.43
CA GLY C 68 -2.11 12.58 -49.87
C GLY C 68 -2.64 13.51 -48.81
N ARG C 69 -3.71 14.21 -49.16
CA ARG C 69 -4.36 15.26 -48.34
C ARG C 69 -5.72 14.80 -47.82
N HIS C 70 -5.98 14.99 -46.53
CA HIS C 70 -7.15 14.42 -45.83
C HIS C 70 -7.73 15.45 -44.87
N TYR C 71 -9.04 15.36 -44.68
CA TYR C 71 -9.83 16.27 -43.81
C TYR C 71 -10.81 15.41 -43.02
N TRP C 72 -10.89 15.69 -41.73
CA TRP C 72 -12.00 15.16 -40.91
C TRP C 72 -12.39 16.22 -39.91
N GLU C 73 -13.59 16.09 -39.38
CA GLU C 73 -14.21 17.08 -38.49
C GLU C 73 -14.61 16.38 -37.20
N VAL C 74 -14.42 17.05 -36.07
CA VAL C 74 -14.68 16.46 -34.73
C VAL C 74 -15.61 17.39 -33.97
N GLU C 75 -16.76 16.87 -33.56
CA GLU C 75 -17.68 17.59 -32.65
C GLU C 75 -17.10 17.48 -31.24
N VAL C 76 -16.71 18.62 -30.66
CA VAL C 76 -16.25 18.73 -29.25
C VAL C 76 -17.37 19.31 -28.40
N GLY C 77 -18.37 19.94 -29.04
CA GLY C 77 -19.41 20.73 -28.33
C GLY C 77 -18.80 21.48 -27.17
N ASP C 78 -19.37 21.34 -25.98
CA ASP C 78 -18.94 22.15 -24.81
C ASP C 78 -18.22 21.26 -23.77
N ARG C 79 -17.66 20.11 -24.21
CA ARG C 79 -16.66 19.36 -23.42
C ARG C 79 -15.58 20.31 -22.90
N LYS C 80 -15.16 20.15 -21.64
CA LYS C 80 -14.19 21.06 -21.00
C LYS C 80 -12.76 20.49 -21.10
N GLU C 81 -12.61 19.25 -21.58
CA GLU C 81 -11.29 18.62 -21.71
C GLU C 81 -11.33 17.69 -22.91
N TRP C 82 -10.38 17.86 -23.85
CA TRP C 82 -10.23 16.96 -25.01
C TRP C 82 -8.91 17.31 -25.72
N HIS C 83 -8.30 16.36 -26.41
CA HIS C 83 -7.10 16.58 -27.24
C HIS C 83 -7.22 15.67 -28.45
N ILE C 84 -6.86 16.18 -29.63
CA ILE C 84 -7.03 15.43 -30.88
C ILE C 84 -5.86 15.77 -31.78
N GLY C 85 -5.62 14.87 -32.73
CA GLY C 85 -4.69 15.12 -33.84
C GLY C 85 -4.37 13.81 -34.45
N VAL C 86 -3.09 13.58 -34.68
CA VAL C 86 -2.57 12.30 -35.22
C VAL C 86 -1.34 11.89 -34.40
N CYS C 87 -0.97 10.64 -34.53
CA CYS C 87 0.25 10.07 -33.95
C CYS C 87 0.76 9.00 -34.93
N SER C 88 2.07 8.75 -34.90
CA SER C 88 2.76 7.66 -35.61
C SER C 88 2.21 6.33 -35.13
N LYS C 89 2.20 5.37 -36.05
CA LYS C 89 1.95 3.94 -35.82
C LYS C 89 2.80 3.46 -34.64
N ASN C 90 4.04 3.92 -34.56
CA ASN C 90 5.11 3.35 -33.71
C ASN C 90 5.23 4.10 -32.37
N VAL C 91 4.26 4.91 -31.96
CA VAL C 91 4.35 5.61 -30.64
C VAL C 91 4.36 4.58 -29.51
N GLN C 92 4.88 4.96 -28.34
CA GLN C 92 4.75 4.14 -27.10
C GLN C 92 3.30 4.20 -26.60
N ARG C 93 2.67 3.03 -26.49
CA ARG C 93 1.26 2.79 -26.07
C ARG C 93 1.21 2.29 -24.61
N LYS C 94 2.33 1.81 -24.08
CA LYS C 94 2.44 1.21 -22.72
C LYS C 94 3.19 2.19 -21.81
N GLY C 95 2.50 2.72 -20.82
CA GLY C 95 3.07 3.64 -19.82
C GLY C 95 2.98 5.07 -20.31
N TRP C 96 3.12 6.01 -19.40
CA TRP C 96 3.18 7.43 -19.80
C TRP C 96 4.32 7.66 -20.80
N VAL C 97 4.02 8.42 -21.84
CA VAL C 97 5.04 9.10 -22.67
C VAL C 97 4.49 10.50 -22.90
N LYS C 98 5.34 11.52 -22.94
CA LYS C 98 4.87 12.89 -23.27
C LYS C 98 4.30 12.89 -24.71
N MET C 99 3.05 13.25 -24.83
CA MET C 99 2.43 13.47 -26.15
C MET C 99 2.98 14.77 -26.73
N THR C 100 4.00 14.64 -27.59
CA THR C 100 4.70 15.74 -28.29
C THR C 100 5.21 15.22 -29.62
N PRO C 101 5.58 16.12 -30.56
CA PRO C 101 6.07 15.72 -31.88
C PRO C 101 7.24 14.75 -31.82
N GLU C 102 8.19 15.02 -30.96
CA GLU C 102 9.38 14.17 -30.79
C GLU C 102 8.99 12.73 -30.42
N ASN C 103 7.90 12.51 -29.66
CA ASN C 103 7.46 11.12 -29.33
C ASN C 103 6.48 10.59 -30.39
N GLY C 104 6.18 11.36 -31.46
CA GLY C 104 5.29 10.98 -32.56
C GLY C 104 3.83 11.35 -32.38
N PHE C 105 3.52 12.38 -31.59
CA PHE C 105 2.13 12.93 -31.43
C PHE C 105 2.12 14.39 -31.91
N TRP C 106 1.10 14.74 -32.68
CA TRP C 106 0.78 16.11 -33.17
C TRP C 106 -0.66 16.36 -32.83
N THR C 107 -0.88 16.96 -31.66
CA THR C 107 -2.22 17.13 -31.08
C THR C 107 -2.28 18.50 -30.42
N MET C 108 -3.50 19.02 -30.31
CA MET C 108 -3.79 20.26 -29.54
C MET C 108 -5.11 19.98 -28.84
N GLY C 109 -5.54 20.85 -27.95
CA GLY C 109 -6.88 20.69 -27.37
C GLY C 109 -7.14 21.62 -26.21
N LEU C 110 -8.03 21.18 -25.33
CA LEU C 110 -8.61 22.00 -24.23
C LEU C 110 -8.50 21.22 -22.92
N THR C 111 -8.16 21.95 -21.87
CA THR C 111 -8.14 21.45 -20.48
C THR C 111 -8.75 22.53 -19.60
N ASP C 112 -9.36 22.13 -18.48
CA ASP C 112 -9.89 23.04 -17.44
C ASP C 112 -10.98 23.98 -18.02
N GLY C 113 -11.81 23.54 -18.98
CA GLY C 113 -12.91 24.35 -19.54
C GLY C 113 -12.46 25.46 -20.49
N ASN C 114 -11.33 26.15 -20.24
CA ASN C 114 -10.97 27.33 -21.06
C ASN C 114 -9.44 27.49 -21.29
N LYS C 115 -8.64 26.43 -21.16
CA LYS C 115 -7.17 26.47 -21.43
C LYS C 115 -6.84 25.59 -22.65
N TYR C 116 -6.75 26.25 -23.82
CA TYR C 116 -6.42 25.67 -25.15
C TYR C 116 -4.91 25.60 -25.24
N ARG C 117 -4.42 24.43 -25.64
CA ARG C 117 -2.96 24.19 -25.75
C ARG C 117 -2.64 23.47 -27.05
N THR C 118 -1.43 23.72 -27.54
CA THR C 118 -0.70 22.84 -28.46
C THR C 118 0.14 21.89 -27.59
N LEU C 119 0.04 20.58 -27.82
CA LEU C 119 0.79 19.57 -27.04
C LEU C 119 2.15 19.39 -27.71
N THR C 120 2.99 20.37 -27.49
CA THR C 120 4.36 20.36 -28.01
C THR C 120 5.29 20.55 -26.84
N GLU C 121 6.57 20.65 -27.14
CA GLU C 121 7.58 20.83 -26.10
C GLU C 121 8.28 22.16 -26.34
N PRO C 122 8.07 23.13 -25.43
CA PRO C 122 7.14 22.98 -24.30
C PRO C 122 5.69 23.28 -24.73
N ARG C 123 4.72 22.95 -23.88
CA ARG C 123 3.30 23.23 -24.22
C ARG C 123 3.14 24.75 -24.42
N THR C 124 2.20 25.16 -25.25
CA THR C 124 1.91 26.59 -25.48
C THR C 124 0.41 26.75 -25.34
N ASN C 125 0.03 27.88 -24.76
CA ASN C 125 -1.36 28.30 -24.57
C ASN C 125 -1.84 28.89 -25.90
N LEU C 126 -2.89 28.39 -26.50
CA LEU C 126 -3.43 28.96 -27.77
C LEU C 126 -4.47 30.06 -27.48
N LYS C 127 -4.54 31.11 -28.31
CA LYS C 127 -5.65 32.11 -28.26
C LYS C 127 -6.81 31.71 -29.18
N LEU C 128 -8.01 31.54 -28.64
CA LEU C 128 -9.22 31.09 -29.39
C LEU C 128 -10.32 32.15 -29.20
N PRO C 129 -10.33 33.26 -29.98
CA PRO C 129 -11.30 34.35 -29.75
C PRO C 129 -12.72 33.81 -29.52
N LYS C 130 -13.07 32.72 -30.22
CA LYS C 130 -14.30 31.93 -29.96
C LYS C 130 -13.88 30.50 -29.64
N PRO C 131 -14.36 29.89 -28.54
CA PRO C 131 -14.26 28.45 -28.35
C PRO C 131 -14.95 27.60 -29.40
N PRO C 132 -14.25 26.67 -30.09
CA PRO C 132 -14.90 25.83 -31.08
C PRO C 132 -15.80 24.73 -30.47
N LYS C 133 -16.80 24.36 -31.26
CA LYS C 133 -17.77 23.29 -30.95
C LYS C 133 -17.51 22.22 -31.98
N LYS C 134 -16.91 22.62 -33.09
CA LYS C 134 -16.52 21.71 -34.19
C LYS C 134 -15.12 22.12 -34.62
N VAL C 135 -14.25 21.13 -34.81
CA VAL C 135 -12.83 21.37 -35.17
C VAL C 135 -12.58 20.64 -36.47
N GLY C 136 -12.15 21.37 -37.49
CA GLY C 136 -11.71 20.78 -38.76
C GLY C 136 -10.25 20.48 -38.64
N VAL C 137 -9.86 19.30 -39.11
CA VAL C 137 -8.47 18.79 -39.07
C VAL C 137 -8.04 18.54 -40.51
N PHE C 138 -6.96 19.21 -40.96
CA PHE C 138 -6.40 19.09 -42.33
C PHE C 138 -4.98 18.55 -42.25
N LEU C 139 -4.75 17.44 -42.91
CA LEU C 139 -3.44 16.76 -42.97
C LEU C 139 -2.99 16.79 -44.44
N ASP C 140 -1.78 17.27 -44.69
CA ASP C 140 -1.09 17.21 -46.01
C ASP C 140 0.16 16.39 -45.76
N TYR C 141 0.10 15.11 -46.08
CA TYR C 141 1.16 14.14 -45.72
C TYR C 141 2.51 14.67 -46.26
N GLU C 142 2.54 15.11 -47.53
CA GLU C 142 3.80 15.39 -48.26
C GLU C 142 4.46 16.67 -47.73
N THR C 143 3.70 17.66 -47.27
CA THR C 143 4.26 18.90 -46.67
C THR C 143 4.39 18.77 -45.14
N GLY C 144 4.27 17.55 -44.59
CA GLY C 144 4.26 17.27 -43.14
C GLY C 144 3.46 18.27 -42.33
N ASP C 145 2.25 18.63 -42.78
CA ASP C 145 1.39 19.68 -42.17
C ASP C 145 0.13 19.03 -41.58
N ILE C 146 -0.23 19.36 -40.35
CA ILE C 146 -1.59 19.14 -39.81
C ILE C 146 -2.04 20.46 -39.26
N SER C 147 -3.17 20.96 -39.73
CA SER C 147 -3.73 22.26 -39.33
C SER C 147 -5.11 22.04 -38.70
N PHE C 148 -5.38 22.80 -37.64
CA PHE C 148 -6.63 22.74 -36.87
C PHE C 148 -7.40 24.03 -37.11
N TYR C 149 -8.70 23.90 -37.40
CA TYR C 149 -9.58 25.08 -37.66
C TYR C 149 -10.88 24.94 -36.88
N ASN C 150 -11.48 26.08 -36.54
CA ASN C 150 -12.91 26.19 -36.17
C ASN C 150 -13.77 25.88 -37.42
N ALA C 151 -14.28 24.65 -37.53
CA ALA C 151 -15.03 24.16 -38.72
C ALA C 151 -16.31 24.96 -38.99
N VAL C 152 -16.81 25.74 -38.04
CA VAL C 152 -18.06 26.52 -38.24
C VAL C 152 -17.69 27.86 -38.92
N ASP C 153 -16.80 28.66 -38.32
CA ASP C 153 -16.51 30.04 -38.78
C ASP C 153 -15.21 30.06 -39.62
N GLY C 154 -14.58 28.91 -39.87
CA GLY C 154 -13.43 28.78 -40.79
C GLY C 154 -12.11 29.30 -40.23
N SER C 155 -12.08 29.93 -39.05
CA SER C 155 -10.86 30.52 -38.44
C SER C 155 -9.84 29.46 -38.05
N HIS C 156 -8.56 29.82 -38.18
CA HIS C 156 -7.39 28.95 -37.93
C HIS C 156 -7.14 28.86 -36.43
N ILE C 157 -6.73 27.69 -35.95
CA ILE C 157 -6.48 27.46 -34.51
C ILE C 157 -4.98 27.20 -34.35
N HIS C 158 -4.39 26.31 -35.15
CA HIS C 158 -3.01 25.86 -34.90
C HIS C 158 -2.53 25.00 -36.05
N THR C 159 -1.24 25.09 -36.38
CA THR C 159 -0.58 24.27 -37.42
C THR C 159 0.74 23.73 -36.90
N PHE C 160 0.96 22.43 -37.12
CA PHE C 160 2.27 21.77 -37.08
C PHE C 160 2.75 21.61 -38.51
N LEU C 161 4.01 21.98 -38.79
CA LEU C 161 4.70 21.81 -40.09
C LEU C 161 5.88 20.87 -39.88
N ASP C 162 5.84 20.12 -38.79
CA ASP C 162 6.86 19.09 -38.44
C ASP C 162 6.22 17.70 -38.23
N VAL C 163 5.22 17.34 -39.01
CA VAL C 163 4.68 15.93 -39.00
C VAL C 163 5.62 14.98 -39.76
N SER C 164 5.85 13.77 -39.23
CA SER C 164 6.52 12.63 -39.91
C SER C 164 5.88 12.44 -41.30
N PHE C 165 6.71 12.38 -42.33
CA PHE C 165 6.32 11.93 -43.70
C PHE C 165 7.02 10.61 -43.97
N SER C 166 7.42 9.90 -42.90
CA SER C 166 8.11 8.59 -43.02
C SER C 166 7.40 7.50 -42.19
N GLU C 167 6.26 7.82 -41.56
CA GLU C 167 5.50 6.91 -40.67
C GLU C 167 4.04 6.97 -41.08
N ALA C 168 3.29 5.89 -40.93
CA ALA C 168 1.81 5.91 -41.04
C ALA C 168 1.26 6.71 -39.85
N LEU C 169 0.23 7.50 -40.08
CA LEU C 169 -0.32 8.46 -39.10
C LEU C 169 -1.77 8.09 -38.80
N TYR C 170 -2.12 7.82 -37.54
CA TYR C 170 -3.52 7.56 -37.15
C TYR C 170 -4.11 8.81 -36.54
N PRO C 171 -5.39 9.13 -36.80
CA PRO C 171 -6.12 10.05 -35.97
C PRO C 171 -6.08 9.47 -34.55
N VAL C 172 -5.97 10.36 -33.57
CA VAL C 172 -5.84 10.04 -32.13
C VAL C 172 -6.77 11.00 -31.45
N PHE C 173 -7.38 10.51 -30.37
CA PHE C 173 -8.43 11.20 -29.59
C PHE C 173 -8.18 10.86 -28.11
N ARG C 174 -8.15 11.86 -27.25
CA ARG C 174 -7.89 11.68 -25.80
C ARG C 174 -8.89 12.49 -24.97
N ILE C 175 -9.50 11.85 -23.97
CA ILE C 175 -10.36 12.51 -22.93
C ILE C 175 -9.97 11.97 -21.55
N LEU C 176 -9.71 12.89 -20.62
CA LEU C 176 -9.41 12.61 -19.20
C LEU C 176 -10.67 12.66 -18.33
N THR C 177 -11.64 13.53 -18.63
CA THR C 177 -12.74 13.89 -17.70
C THR C 177 -13.99 13.04 -17.95
N LEU C 178 -14.86 13.02 -16.95
CA LEU C 178 -16.16 12.30 -16.95
C LEU C 178 -17.21 13.38 -17.08
N GLU C 179 -17.77 13.56 -18.27
CA GLU C 179 -18.72 14.67 -18.49
C GLU C 179 -19.73 14.27 -19.55
N PRO C 180 -20.86 15.02 -19.58
CA PRO C 180 -22.03 14.61 -20.35
C PRO C 180 -21.72 14.54 -21.85
N THR C 181 -21.02 15.55 -22.38
CA THR C 181 -20.75 15.64 -23.83
C THR C 181 -19.67 14.64 -24.23
N ALA C 182 -19.99 13.83 -25.25
CA ALA C 182 -19.05 12.89 -25.88
C ALA C 182 -18.19 13.66 -26.87
N LEU C 183 -17.12 13.01 -27.30
CA LEU C 183 -16.28 13.47 -28.42
C LEU C 183 -16.76 12.69 -29.64
N THR C 184 -17.18 13.39 -30.69
CA THR C 184 -17.85 12.75 -31.86
C THR C 184 -17.18 13.14 -33.19
N ILE C 185 -16.79 12.15 -33.98
CA ILE C 185 -16.35 12.31 -35.39
C ILE C 185 -17.56 12.47 -36.32
N CYS C 186 -17.62 13.53 -37.12
CA CYS C 186 -18.59 13.66 -38.23
C CYS C 186 -18.22 12.66 -39.32
N PRO C 187 -19.13 11.73 -39.71
CA PRO C 187 -18.85 10.80 -40.82
C PRO C 187 -18.54 11.62 -42.08
N ALA C 188 -17.70 11.11 -42.99
CA ALA C 188 -17.48 11.78 -44.31
C ALA C 188 -18.85 11.86 -45.04
N LEU C 189 -19.27 13.02 -45.54
CA LEU C 189 -20.60 13.20 -46.17
C LEU C 189 -20.53 14.27 -47.26
N ALA D 10 15.19 -42.58 35.39
CA ALA D 10 14.99 -43.09 34.01
C ALA D 10 13.80 -44.06 33.98
N LEU D 11 12.57 -43.55 34.12
CA LEU D 11 11.30 -44.29 33.90
C LEU D 11 10.96 -44.26 32.38
N PHE D 12 11.62 -43.35 31.62
CA PHE D 12 11.29 -42.78 30.27
C PHE D 12 12.55 -42.75 29.39
N LYS D 13 12.47 -43.15 28.11
CA LYS D 13 13.68 -43.26 27.23
C LYS D 13 14.22 -41.87 26.93
N PRO D 14 15.51 -41.54 27.18
CA PRO D 14 16.01 -40.22 26.81
C PRO D 14 15.98 -40.14 25.27
N ALA D 15 15.20 -39.22 24.72
CA ALA D 15 15.18 -38.94 23.27
C ALA D 15 16.43 -38.14 22.92
N ASP D 16 17.00 -38.45 21.77
CA ASP D 16 18.13 -37.66 21.21
C ASP D 16 17.55 -36.65 20.22
N VAL D 17 17.42 -35.37 20.59
CA VAL D 17 16.57 -34.44 19.80
C VAL D 17 17.45 -33.48 19.00
N ILE D 18 17.23 -33.48 17.69
CA ILE D 18 18.02 -32.65 16.75
C ILE D 18 17.04 -31.76 15.97
N LEU D 19 17.34 -30.47 15.89
CA LEU D 19 16.45 -29.46 15.23
C LEU D 19 16.47 -29.68 13.72
N ASP D 20 15.28 -29.73 13.13
CA ASP D 20 15.10 -29.95 11.68
C ASP D 20 15.04 -28.58 10.98
N PRO D 21 16.19 -28.14 10.39
CA PRO D 21 16.28 -26.85 9.73
C PRO D 21 15.23 -26.67 8.64
N LYS D 22 14.70 -27.77 8.08
CA LYS D 22 13.66 -27.69 7.02
C LYS D 22 12.31 -27.20 7.60
N THR D 23 12.19 -27.16 8.92
CA THR D 23 10.92 -26.80 9.62
C THR D 23 11.05 -25.41 10.21
N ALA D 24 12.27 -24.91 10.38
CA ALA D 24 12.53 -23.64 11.07
C ALA D 24 11.93 -22.48 10.24
N ASN D 25 11.07 -21.70 10.88
CA ASN D 25 10.65 -20.37 10.37
C ASN D 25 11.91 -19.64 9.86
N PRO D 26 11.83 -18.97 8.70
CA PRO D 26 13.01 -18.30 8.12
C PRO D 26 13.70 -17.24 8.99
N ILE D 27 13.04 -16.74 10.05
CA ILE D 27 13.63 -15.78 11.02
C ILE D 27 14.45 -16.54 12.06
N LEU D 28 14.44 -17.87 12.00
CA LEU D 28 15.20 -18.67 12.99
C LEU D 28 16.52 -19.13 12.38
N LEU D 29 17.55 -19.25 13.22
CA LEU D 29 18.91 -19.76 12.90
C LEU D 29 19.17 -21.03 13.72
N VAL D 30 19.20 -22.19 13.07
CA VAL D 30 19.63 -23.47 13.72
C VAL D 30 21.15 -23.49 13.67
N SER D 31 21.81 -23.81 14.78
CA SER D 31 23.29 -24.02 14.88
C SER D 31 23.81 -25.10 13.89
N GLU D 32 25.13 -25.16 13.74
CA GLU D 32 25.83 -26.15 12.88
C GLU D 32 25.46 -27.54 13.41
N ASP D 33 25.50 -27.74 14.74
CA ASP D 33 25.25 -29.06 15.38
C ASP D 33 23.75 -29.35 15.54
N GLN D 34 22.87 -28.45 15.11
CA GLN D 34 21.38 -28.62 15.16
C GLN D 34 20.88 -28.91 16.58
N ARG D 35 21.50 -28.30 17.59
CA ARG D 35 21.11 -28.46 19.01
C ARG D 35 20.61 -27.13 19.58
N SER D 36 20.96 -26.00 18.96
CA SER D 36 20.54 -24.68 19.49
C SER D 36 19.93 -23.82 18.38
N VAL D 37 19.01 -22.95 18.77
CA VAL D 37 18.29 -22.06 17.83
C VAL D 37 18.32 -20.63 18.39
N GLN D 38 18.51 -19.67 17.49
CA GLN D 38 18.52 -18.23 17.83
C GLN D 38 17.62 -17.52 16.82
N ARG D 39 17.30 -16.25 17.07
CA ARG D 39 16.48 -15.45 16.14
C ARG D 39 17.38 -14.50 15.34
N ALA D 40 17.21 -14.48 14.02
CA ALA D 40 17.78 -13.43 13.13
C ALA D 40 17.02 -12.11 13.36
N LYS D 41 17.68 -10.98 13.08
CA LYS D 41 17.06 -9.63 13.00
C LYS D 41 15.97 -9.70 11.93
N GLU D 42 16.25 -10.34 10.80
CA GLU D 42 15.39 -10.37 9.60
C GLU D 42 15.30 -11.78 9.06
N PRO D 43 14.19 -12.15 8.39
CA PRO D 43 14.06 -13.46 7.77
C PRO D 43 15.21 -13.76 6.80
N GLN D 44 15.72 -15.00 6.82
CA GLN D 44 16.59 -15.55 5.76
C GLN D 44 15.77 -15.79 4.49
N ASP D 45 16.45 -15.94 3.35
CA ASP D 45 15.80 -16.21 2.04
C ASP D 45 15.72 -17.73 1.88
N LEU D 46 14.67 -18.35 2.42
CA LEU D 46 14.53 -19.83 2.37
C LEU D 46 13.26 -20.13 1.59
N PRO D 47 13.16 -21.30 0.95
CA PRO D 47 11.91 -21.69 0.27
C PRO D 47 10.78 -21.95 1.27
N ASP D 48 9.53 -21.86 0.83
CA ASP D 48 8.37 -22.16 1.70
C ASP D 48 7.93 -23.62 1.44
N ASN D 49 8.88 -24.56 1.62
CA ASN D 49 8.58 -26.01 1.54
C ASN D 49 7.51 -26.34 2.56
N PRO D 50 6.68 -27.38 2.30
CA PRO D 50 5.55 -27.73 3.17
C PRO D 50 5.87 -27.98 4.64
N GLU D 51 7.09 -28.41 4.95
CA GLU D 51 7.51 -28.76 6.33
C GLU D 51 7.78 -27.47 7.13
N ARG D 52 7.97 -26.34 6.46
CA ARG D 52 8.45 -25.10 7.12
C ARG D 52 7.28 -24.38 7.80
N PHE D 53 7.44 -24.01 9.07
CA PHE D 53 6.53 -23.07 9.77
C PHE D 53 6.81 -21.69 9.18
N ASN D 54 5.86 -21.14 8.44
CA ASN D 54 6.09 -19.88 7.69
C ASN D 54 5.56 -18.69 8.47
N TRP D 55 4.84 -18.88 9.58
CA TRP D 55 4.27 -17.76 10.37
C TRP D 55 4.80 -17.82 11.80
N HIS D 56 4.46 -18.83 12.55
CA HIS D 56 5.01 -19.03 13.90
C HIS D 56 6.55 -19.18 13.84
N TYR D 57 7.27 -18.62 14.81
CA TYR D 57 8.74 -18.67 14.93
C TYR D 57 9.14 -20.01 15.61
N CYS D 58 8.78 -21.12 14.95
CA CYS D 58 8.82 -22.52 15.44
C CYS D 58 9.86 -23.32 14.62
N VAL D 59 10.41 -24.34 15.25
CA VAL D 59 11.26 -25.40 14.64
C VAL D 59 10.91 -26.73 15.35
N LEU D 60 10.76 -27.81 14.58
CA LEU D 60 10.55 -29.20 15.07
C LEU D 60 11.89 -29.94 15.20
N GLY D 61 11.89 -31.01 16.00
CA GLY D 61 12.90 -32.08 15.95
C GLY D 61 12.77 -32.86 14.66
N CYS D 62 13.82 -33.60 14.31
CA CYS D 62 13.80 -34.47 13.10
C CYS D 62 12.91 -35.68 13.37
N GLU D 63 12.99 -36.26 14.57
CA GLU D 63 12.23 -37.50 14.91
C GLU D 63 10.95 -37.13 15.66
N SER D 64 9.84 -37.76 15.32
CA SER D 64 8.57 -37.71 16.08
C SER D 64 8.34 -39.00 16.88
N PHE D 65 7.40 -38.96 17.84
CA PHE D 65 7.07 -40.06 18.75
C PHE D 65 5.72 -40.66 18.33
N ILE D 66 5.69 -41.99 18.16
CA ILE D 66 4.49 -42.80 17.78
C ILE D 66 4.06 -43.71 18.94
N SER D 67 4.86 -43.87 20.00
CA SER D 67 4.52 -44.74 21.16
C SER D 67 5.64 -44.69 22.19
N GLY D 68 5.34 -45.18 23.40
CA GLY D 68 6.34 -45.36 24.46
C GLY D 68 6.52 -44.08 25.24
N ARG D 69 7.53 -44.08 26.09
CA ARG D 69 7.81 -43.01 27.09
C ARG D 69 9.16 -42.40 26.74
N HIS D 70 9.22 -41.06 26.61
CA HIS D 70 10.44 -40.30 26.23
C HIS D 70 10.55 -39.00 27.03
N TYR D 71 11.78 -38.53 27.10
CA TYR D 71 12.27 -37.40 27.91
C TYR D 71 13.35 -36.67 27.13
N TRP D 72 13.36 -35.32 27.18
CA TRP D 72 14.54 -34.51 26.80
C TRP D 72 14.58 -33.25 27.64
N GLU D 73 15.69 -32.52 27.55
CA GLU D 73 15.99 -31.33 28.38
C GLU D 73 16.38 -30.17 27.47
N VAL D 74 15.86 -28.98 27.80
CA VAL D 74 16.13 -27.73 27.05
C VAL D 74 16.70 -26.71 28.03
N GLU D 75 17.85 -26.14 27.67
CA GLU D 75 18.51 -25.02 28.37
C GLU D 75 17.84 -23.73 27.84
N VAL D 76 17.14 -23.02 28.72
CA VAL D 76 16.45 -21.74 28.41
C VAL D 76 17.30 -20.57 28.92
N GLY D 77 18.27 -20.85 29.79
CA GLY D 77 19.08 -19.81 30.45
C GLY D 77 18.16 -18.78 31.09
N ASP D 78 18.49 -17.50 30.94
CA ASP D 78 17.71 -16.34 31.45
C ASP D 78 17.07 -15.63 30.25
N ARG D 79 16.84 -16.37 29.15
CA ARG D 79 16.09 -15.92 27.95
C ARG D 79 14.73 -15.37 28.40
N LYS D 80 14.37 -14.19 27.93
CA LYS D 80 13.16 -13.47 28.39
C LYS D 80 11.89 -14.10 27.79
N GLU D 81 11.99 -14.83 26.68
CA GLU D 81 10.78 -15.36 25.97
C GLU D 81 11.10 -16.74 25.36
N TRP D 82 10.23 -17.73 25.54
CA TRP D 82 10.39 -19.04 24.87
C TRP D 82 9.15 -19.86 25.15
N HIS D 83 8.73 -20.72 24.20
CA HIS D 83 7.74 -21.80 24.46
C HIS D 83 8.25 -23.11 23.83
N ILE D 84 8.03 -24.24 24.51
CA ILE D 84 8.52 -25.59 24.07
C ILE D 84 7.47 -26.62 24.44
N GLY D 85 7.51 -27.80 23.84
CA GLY D 85 6.57 -28.89 24.12
C GLY D 85 6.55 -29.84 22.96
N VAL D 86 5.37 -30.34 22.61
CA VAL D 86 5.25 -31.19 21.39
C VAL D 86 4.08 -30.69 20.55
N CYS D 87 4.01 -31.13 19.30
CA CYS D 87 2.83 -30.90 18.43
C CYS D 87 2.62 -32.10 17.52
N SER D 88 1.41 -32.26 16.99
CA SER D 88 1.09 -33.30 15.98
C SER D 88 1.76 -33.00 14.65
N LYS D 89 2.21 -34.08 14.03
CA LYS D 89 2.63 -34.19 12.63
C LYS D 89 1.76 -33.25 11.79
N ASN D 90 0.45 -33.17 12.03
CA ASN D 90 -0.46 -32.53 11.07
C ASN D 90 -0.94 -31.16 11.57
N VAL D 91 -0.24 -30.50 12.48
CA VAL D 91 -0.60 -29.07 12.80
C VAL D 91 -0.51 -28.20 11.53
N GLN D 92 -1.17 -27.04 11.55
CA GLN D 92 -1.12 -25.98 10.50
C GLN D 92 0.25 -25.29 10.60
N ARG D 93 1.05 -25.37 9.55
CA ARG D 93 2.38 -24.73 9.52
C ARG D 93 2.33 -23.44 8.72
N LYS D 94 1.28 -23.24 7.93
CA LYS D 94 1.08 -22.07 7.04
C LYS D 94 0.03 -21.14 7.64
N GLY D 95 0.46 -19.95 8.01
CA GLY D 95 -0.41 -18.96 8.66
C GLY D 95 -0.49 -19.21 10.15
N TRP D 96 -0.99 -18.22 10.90
CA TRP D 96 -1.21 -18.35 12.36
C TRP D 96 -2.29 -19.40 12.61
N VAL D 97 -2.06 -20.25 13.59
CA VAL D 97 -3.09 -21.05 14.28
C VAL D 97 -2.77 -20.85 15.74
N LYS D 98 -3.77 -20.86 16.62
CA LYS D 98 -3.49 -20.72 18.07
C LYS D 98 -2.80 -22.01 18.54
N MET D 99 -1.70 -21.88 19.26
CA MET D 99 -0.97 -23.03 19.81
C MET D 99 -1.72 -23.47 21.07
N THR D 100 -2.62 -24.45 20.92
CA THR D 100 -3.49 -25.03 21.97
C THR D 100 -3.70 -26.52 21.69
N PRO D 101 -4.00 -27.33 22.73
CA PRO D 101 -4.28 -28.75 22.56
C PRO D 101 -5.17 -29.07 21.37
N GLU D 102 -6.26 -28.30 21.19
CA GLU D 102 -7.33 -28.53 20.17
C GLU D 102 -6.71 -28.42 18.77
N ASN D 103 -5.70 -27.57 18.61
CA ASN D 103 -4.99 -27.37 17.30
C ASN D 103 -3.76 -28.27 17.21
N GLY D 104 -3.43 -29.01 18.27
CA GLY D 104 -2.45 -30.10 18.20
C GLY D 104 -1.12 -29.67 18.76
N PHE D 105 -1.12 -28.81 19.77
CA PHE D 105 0.07 -28.23 20.40
C PHE D 105 -0.12 -28.38 21.90
N TRP D 106 0.93 -28.85 22.57
CA TRP D 106 1.00 -29.05 24.03
C TRP D 106 2.28 -28.40 24.50
N THR D 107 2.22 -27.12 24.87
CA THR D 107 3.38 -26.23 25.09
C THR D 107 3.14 -25.36 26.31
N MET D 108 4.23 -24.85 26.86
CA MET D 108 4.21 -23.84 27.92
C MET D 108 5.49 -23.05 27.78
N GLY D 109 5.62 -21.96 28.53
CA GLY D 109 6.83 -21.14 28.40
C GLY D 109 6.71 -19.84 29.17
N LEU D 110 7.52 -18.88 28.74
CA LEU D 110 7.81 -17.60 29.43
C LEU D 110 7.57 -16.51 28.39
N THR D 111 6.93 -15.43 28.81
CA THR D 111 6.85 -14.19 28.00
C THR D 111 7.14 -12.97 28.88
N ASP D 112 7.82 -11.97 28.34
CA ASP D 112 7.95 -10.66 29.01
C ASP D 112 8.80 -10.84 30.29
N GLY D 113 9.79 -11.74 30.25
CA GLY D 113 10.80 -11.86 31.32
C GLY D 113 10.29 -12.58 32.55
N ASN D 114 9.00 -12.53 32.90
CA ASN D 114 8.55 -13.17 34.16
C ASN D 114 7.12 -13.72 34.07
N LYS D 115 6.50 -13.86 32.90
CA LYS D 115 5.12 -14.42 32.81
C LYS D 115 5.16 -15.83 32.18
N TYR D 116 5.02 -16.85 33.05
CA TYR D 116 5.00 -18.29 32.73
C TYR D 116 3.56 -18.66 32.42
N ARG D 117 3.29 -19.32 31.28
CA ARG D 117 1.93 -19.74 30.90
C ARG D 117 1.95 -21.16 30.36
N THR D 118 0.81 -21.81 30.36
CA THR D 118 0.52 -23.00 29.53
C THR D 118 -0.34 -22.56 28.34
N LEU D 119 0.01 -22.98 27.14
CA LEU D 119 -0.69 -22.54 25.91
C LEU D 119 -1.90 -23.46 25.76
N THR D 120 -2.83 -23.23 26.69
CA THR D 120 -4.14 -23.90 26.80
C THR D 120 -5.18 -22.94 26.22
N GLU D 121 -6.38 -23.47 26.00
CA GLU D 121 -7.57 -22.75 25.50
C GLU D 121 -8.57 -22.65 26.64
N PRO D 122 -8.61 -21.58 27.47
CA PRO D 122 -7.74 -20.42 27.34
C PRO D 122 -6.38 -20.60 28.01
N ARG D 123 -5.49 -19.61 27.86
CA ARG D 123 -4.10 -19.65 28.43
C ARG D 123 -4.28 -19.69 29.96
N THR D 124 -3.30 -20.19 30.73
CA THR D 124 -3.35 -20.10 32.21
C THR D 124 -1.99 -19.61 32.71
N ASN D 125 -2.00 -18.74 33.70
CA ASN D 125 -0.74 -18.28 34.36
C ASN D 125 -0.26 -19.39 35.30
N LEU D 126 1.05 -19.50 35.46
CA LEU D 126 1.72 -20.51 36.33
C LEU D 126 2.47 -19.76 37.43
N LYS D 127 2.38 -20.29 38.65
CA LYS D 127 3.06 -19.75 39.85
C LYS D 127 4.33 -20.57 40.06
N LEU D 128 5.51 -20.07 39.65
CA LEU D 128 6.77 -20.85 39.73
C LEU D 128 7.68 -20.29 40.83
N PRO D 129 7.95 -21.07 41.91
CA PRO D 129 8.80 -20.60 43.00
C PRO D 129 10.19 -20.16 42.51
N LYS D 130 10.87 -21.03 41.77
CA LYS D 130 12.14 -20.72 41.08
C LYS D 130 11.84 -20.53 39.60
N PRO D 131 12.50 -19.58 38.90
CA PRO D 131 12.48 -19.55 37.44
C PRO D 131 13.46 -20.53 36.79
N PRO D 132 13.03 -21.49 35.94
CA PRO D 132 13.94 -22.50 35.40
C PRO D 132 14.98 -22.02 34.37
N LYS D 133 16.19 -22.56 34.46
CA LYS D 133 17.32 -22.28 33.53
C LYS D 133 17.38 -23.45 32.54
N LYS D 134 16.66 -24.52 32.84
CA LYS D 134 16.77 -25.84 32.19
C LYS D 134 15.46 -26.57 32.45
N VAL D 135 14.79 -27.05 31.41
CA VAL D 135 13.43 -27.64 31.54
C VAL D 135 13.48 -29.06 31.00
N GLY D 136 12.80 -29.97 31.70
CA GLY D 136 12.65 -31.36 31.25
C GLY D 136 11.25 -31.63 30.77
N VAL D 137 11.12 -32.33 29.64
CA VAL D 137 9.81 -32.63 29.01
C VAL D 137 9.68 -34.15 28.97
N PHE D 138 8.59 -34.67 29.54
CA PHE D 138 8.28 -36.12 29.60
C PHE D 138 7.05 -36.33 28.74
N LEU D 139 7.09 -37.32 27.87
CA LEU D 139 5.94 -37.75 27.05
C LEU D 139 5.68 -39.24 27.31
N ASP D 140 4.41 -39.62 27.49
CA ASP D 140 3.91 -41.00 27.57
C ASP D 140 2.86 -41.20 26.50
N TYR D 141 3.22 -41.72 25.34
CA TYR D 141 2.27 -41.72 24.21
C TYR D 141 0.95 -42.36 24.68
N GLU D 142 1.03 -43.48 25.41
CA GLU D 142 -0.13 -44.41 25.60
C GLU D 142 -1.08 -43.85 26.66
N THR D 143 -0.56 -43.46 27.82
CA THR D 143 -1.40 -42.89 28.92
C THR D 143 -1.97 -41.58 28.38
N GLY D 144 -1.11 -40.71 27.80
CA GLY D 144 -1.49 -39.50 27.05
C GLY D 144 -1.11 -38.27 27.84
N ASP D 145 0.11 -38.30 28.37
CA ASP D 145 0.63 -37.39 29.41
C ASP D 145 1.89 -36.71 28.89
N ILE D 146 1.97 -35.39 29.07
CA ILE D 146 3.17 -34.56 28.79
C ILE D 146 3.39 -33.71 30.04
N SER D 147 4.61 -33.69 30.57
CA SER D 147 4.93 -33.01 31.85
C SER D 147 6.18 -32.17 31.68
N PHE D 148 6.21 -31.04 32.37
CA PHE D 148 7.33 -30.08 32.34
C PHE D 148 7.83 -30.00 33.77
N TYR D 149 9.15 -30.04 33.93
CA TYR D 149 9.86 -29.94 35.23
C TYR D 149 11.02 -28.97 35.11
N ASN D 150 11.38 -28.27 36.20
CA ASN D 150 12.74 -27.70 36.39
C ASN D 150 13.69 -28.91 36.31
N ALA D 151 14.69 -28.89 35.42
CA ALA D 151 15.67 -29.99 35.27
C ALA D 151 16.68 -29.96 36.42
N VAL D 152 16.99 -28.78 36.96
CA VAL D 152 17.91 -28.62 38.13
C VAL D 152 17.15 -29.05 39.41
N ASP D 153 16.21 -28.25 39.91
CA ASP D 153 15.41 -28.46 41.16
C ASP D 153 14.66 -29.79 41.20
N GLY D 154 14.28 -30.38 40.07
CA GLY D 154 13.29 -31.48 40.01
C GLY D 154 11.89 -30.98 40.27
N SER D 155 11.73 -29.68 40.43
CA SER D 155 10.41 -29.03 40.66
C SER D 155 9.49 -29.19 39.42
N HIS D 156 8.26 -29.73 39.62
CA HIS D 156 7.12 -29.74 38.66
C HIS D 156 6.83 -28.33 38.11
N ILE D 157 6.23 -28.28 36.92
CA ILE D 157 5.83 -27.01 36.23
C ILE D 157 4.39 -27.15 35.72
N HIS D 158 4.05 -28.21 34.99
CA HIS D 158 2.69 -28.40 34.44
C HIS D 158 2.62 -29.79 33.82
N THR D 159 1.43 -30.36 33.70
CA THR D 159 1.17 -31.63 33.02
C THR D 159 -0.14 -31.55 32.26
N PHE D 160 -0.15 -31.99 31.00
CA PHE D 160 -1.39 -32.34 30.27
C PHE D 160 -1.66 -33.82 30.54
N LEU D 161 -2.87 -34.18 31.00
CA LEU D 161 -3.24 -35.56 31.42
C LEU D 161 -4.16 -36.20 30.38
N ASP D 162 -4.17 -37.53 30.39
CA ASP D 162 -5.05 -38.43 29.61
C ASP D 162 -5.50 -37.76 28.31
N VAL D 163 -4.54 -37.33 27.47
CA VAL D 163 -4.81 -36.86 26.08
C VAL D 163 -4.89 -38.08 25.15
N SER D 164 -5.71 -38.01 24.11
CA SER D 164 -5.99 -39.12 23.17
C SER D 164 -5.26 -38.91 21.83
N PHE D 165 -3.92 -39.02 21.84
CA PHE D 165 -3.05 -38.76 20.66
C PHE D 165 -3.46 -39.69 19.52
N SER D 166 -3.71 -39.16 18.34
CA SER D 166 -4.04 -39.95 17.13
C SER D 166 -2.95 -39.80 16.06
N GLU D 167 -1.85 -39.08 16.33
CA GLU D 167 -0.76 -38.85 15.33
C GLU D 167 0.62 -38.85 15.98
N ALA D 168 1.66 -38.98 15.16
CA ALA D 168 3.06 -38.77 15.58
C ALA D 168 3.19 -37.39 16.24
N LEU D 169 4.01 -37.29 17.28
CA LEU D 169 4.29 -36.06 18.05
C LEU D 169 5.74 -35.65 17.87
N TYR D 170 5.97 -34.40 17.41
CA TYR D 170 7.33 -33.80 17.31
C TYR D 170 7.59 -32.91 18.50
N PRO D 171 8.83 -32.83 19.02
CA PRO D 171 9.24 -31.72 19.88
C PRO D 171 9.21 -30.38 19.10
N VAL D 172 8.82 -29.28 19.76
CA VAL D 172 8.58 -27.96 19.11
C VAL D 172 9.22 -26.92 20.00
N PHE D 173 9.84 -25.91 19.38
CA PHE D 173 10.54 -24.81 20.09
C PHE D 173 10.14 -23.52 19.37
N ARG D 174 9.88 -22.46 20.14
CA ARG D 174 9.37 -21.17 19.61
C ARG D 174 10.05 -20.05 20.36
N ILE D 175 10.63 -19.09 19.64
CA ILE D 175 11.19 -17.87 20.26
C ILE D 175 10.76 -16.67 19.41
N LEU D 176 10.22 -15.64 20.05
CA LEU D 176 9.79 -14.39 19.34
C LEU D 176 10.90 -13.32 19.42
N THR D 177 11.66 -13.27 20.51
CA THR D 177 12.51 -12.11 20.84
C THR D 177 13.90 -12.25 20.23
N LEU D 178 14.53 -11.11 19.95
CA LEU D 178 15.95 -11.07 19.56
C LEU D 178 16.77 -10.76 20.81
N GLU D 179 17.31 -11.80 21.45
CA GLU D 179 18.18 -11.72 22.65
C GLU D 179 19.47 -12.50 22.41
N PRO D 180 20.49 -12.39 23.29
CA PRO D 180 21.77 -13.09 23.11
C PRO D 180 21.76 -14.57 23.52
N THR D 181 20.99 -14.94 24.56
CA THR D 181 20.77 -16.34 25.00
C THR D 181 19.99 -17.09 23.93
N ALA D 182 20.57 -18.15 23.39
CA ALA D 182 19.91 -19.09 22.46
C ALA D 182 19.05 -20.04 23.30
N LEU D 183 18.30 -20.89 22.63
CA LEU D 183 17.59 -22.06 23.19
C LEU D 183 18.38 -23.32 22.77
N THR D 184 18.78 -24.17 23.73
CA THR D 184 19.79 -25.26 23.50
C THR D 184 19.27 -26.61 23.98
N ILE D 185 19.20 -27.59 23.08
CA ILE D 185 18.83 -29.00 23.45
C ILE D 185 20.08 -29.64 24.03
N CYS D 186 19.94 -30.23 25.22
CA CYS D 186 21.03 -30.94 25.95
C CYS D 186 21.16 -32.32 25.31
N PRO D 187 22.32 -32.64 24.68
CA PRO D 187 22.49 -33.86 23.88
C PRO D 187 21.87 -35.21 24.33
#